data_2JB3
#
_entry.id   2JB3
#
_cell.length_a   65.649
_cell.length_b   109.676
_cell.length_c   134.368
_cell.angle_alpha   90.00
_cell.angle_beta   90.00
_cell.angle_gamma   90.00
#
_symmetry.space_group_name_H-M   'P 21 21 21'
#
loop_
_entity.id
_entity.type
_entity.pdbx_description
1 polymer 'L-AMINO ACID OXIDASE'
2 non-polymer 'FLAVIN-ADENINE DINUCLEOTIDE'
3 non-polymer '2-AMINOBENZOIC ACID'
4 water water
#
_entity_poly.entity_id   1
_entity_poly.type   'polypeptide(L)'
_entity_poly.pdbx_seq_one_letter_code
;AGDLIGKVKGSHSVVVLGGGPAGLCSAFELQKAGYKVTVLEARTRPGGRVWTARGGSEETDLSGETQKCTFSEGHFYNVG
ATRIPQSHITLDYCRELGVEIQGFGNQNANTFVNYQSDTSLSGQSVTYRAAKADTFGYMSELLKKATDQGALDQVLSRED
KDALSEFLSDFGDLSDDGRYLGSSRRGYDSEPGAGLNFGTEKKPFAMQEVIRSGIGRNFSFDFGYDQAMMMFTPVGGMDR
IYYAFQDRIGTDNIVFGAEVTSMKNVSEGVTVEYTAGGSKKSITADYAICTIPPHLVGRLQNNLPGDVLTALKAAKPSSS
GKLGIEYSRRWWETEDRIYGGASNTDKDISQIMFPYDHYNSDRGVVVAYYSSGKRQEAFESLTHRQRLAKAIAEGSEIHG
EKYTRDISSSFSGSWRRTKYSESAWANWAGSGGSHGGAATPEYEKLLEPVDKIYFAGDHLSNAIAWQHGALTSARDVVTH
IHERVAQEA
;
_entity_poly.pdbx_strand_id   A,B
#
# COMPACT_ATOMS: atom_id res chain seq x y z
N ASP A 3 -26.84 -16.75 -2.98
CA ASP A 3 -27.35 -15.49 -2.36
C ASP A 3 -27.95 -14.52 -3.39
N LEU A 4 -27.37 -14.43 -4.59
CA LEU A 4 -27.87 -13.47 -5.63
C LEU A 4 -29.34 -13.71 -5.90
N ILE A 5 -29.65 -14.95 -6.26
CA ILE A 5 -31.01 -15.37 -6.58
C ILE A 5 -31.27 -16.81 -6.12
N GLY A 6 -32.55 -17.13 -5.96
CA GLY A 6 -32.94 -18.49 -5.62
C GLY A 6 -32.74 -19.48 -6.76
N LYS A 7 -32.92 -20.75 -6.43
CA LYS A 7 -32.94 -21.81 -7.44
C LYS A 7 -34.11 -21.64 -8.41
N VAL A 8 -33.86 -21.99 -9.67
CA VAL A 8 -34.90 -21.94 -10.68
C VAL A 8 -35.64 -23.27 -10.81
N LYS A 9 -36.96 -23.17 -10.97
CA LYS A 9 -37.82 -24.35 -11.17
C LYS A 9 -37.87 -24.73 -12.65
N GLY A 10 -37.65 -26.01 -12.92
CA GLY A 10 -37.73 -26.53 -14.29
C GLY A 10 -36.54 -26.19 -15.17
N SER A 11 -36.76 -26.34 -16.48
CA SER A 11 -35.68 -26.18 -17.48
C SER A 11 -35.72 -24.80 -18.13
N HIS A 12 -34.58 -24.11 -18.10
CA HIS A 12 -34.46 -22.78 -18.68
C HIS A 12 -33.02 -22.54 -19.14
N SER A 13 -32.89 -22.04 -20.36
CA SER A 13 -31.59 -21.86 -20.98
C SER A 13 -31.25 -20.41 -21.30
N VAL A 14 -29.94 -20.12 -21.25
CA VAL A 14 -29.43 -18.80 -21.62
C VAL A 14 -28.16 -18.98 -22.45
N VAL A 15 -28.02 -18.21 -23.52
CA VAL A 15 -26.77 -18.09 -24.23
C VAL A 15 -26.16 -16.71 -23.95
N VAL A 16 -24.90 -16.72 -23.57
CA VAL A 16 -24.15 -15.54 -23.21
C VAL A 16 -23.13 -15.26 -24.30
N LEU A 17 -23.20 -14.07 -24.89
CA LEU A 17 -22.29 -13.68 -25.93
C LEU A 17 -21.15 -12.87 -25.31
N GLY A 18 -19.96 -13.41 -25.35
CA GLY A 18 -18.81 -12.80 -24.72
C GLY A 18 -18.49 -13.45 -23.40
N GLY A 19 -17.25 -13.93 -23.30
CA GLY A 19 -16.73 -14.53 -22.06
C GLY A 19 -15.71 -13.63 -21.37
N GLY A 20 -16.00 -12.33 -21.35
CA GLY A 20 -15.34 -11.40 -20.47
C GLY A 20 -15.92 -11.42 -19.06
N PRO A 21 -15.56 -10.46 -18.23
CA PRO A 21 -16.14 -10.45 -16.88
C PRO A 21 -17.67 -10.49 -16.81
N ALA A 22 -18.37 -9.67 -17.59
CA ALA A 22 -19.83 -9.68 -17.53
C ALA A 22 -20.44 -11.02 -17.94
N GLY A 23 -19.88 -11.62 -18.98
CA GLY A 23 -20.45 -12.85 -19.53
C GLY A 23 -20.15 -14.04 -18.62
N LEU A 24 -18.95 -14.04 -18.05
CA LEU A 24 -18.57 -15.15 -17.16
C LEU A 24 -19.30 -15.07 -15.82
N CYS A 25 -19.38 -13.85 -15.28
CA CYS A 25 -20.16 -13.63 -14.08
C CYS A 25 -21.63 -14.04 -14.27
N SER A 26 -22.19 -13.65 -15.41
CA SER A 26 -23.56 -14.02 -15.74
C SER A 26 -23.73 -15.53 -15.73
N ALA A 27 -22.93 -16.23 -16.55
CA ALA A 27 -22.93 -17.69 -16.60
C ALA A 27 -22.84 -18.37 -15.23
N PHE A 28 -21.82 -17.96 -14.49
CA PHE A 28 -21.60 -18.40 -13.12
C PHE A 28 -22.83 -18.32 -12.25
N GLU A 29 -23.44 -17.16 -12.20
CA GLU A 29 -24.63 -16.96 -11.34
C GLU A 29 -25.86 -17.72 -11.86
N LEU A 30 -26.02 -17.77 -13.17
CA LEU A 30 -27.13 -18.51 -13.76
C LEU A 30 -27.03 -20.01 -13.48
N GLN A 31 -25.83 -20.55 -13.62
CA GLN A 31 -25.61 -21.95 -13.28
C GLN A 31 -25.96 -22.29 -11.84
N LYS A 32 -25.43 -21.49 -10.92
CA LYS A 32 -25.69 -21.68 -9.50
C LYS A 32 -27.17 -21.80 -9.21
N ALA A 33 -27.95 -21.04 -9.96
CA ALA A 33 -29.39 -21.01 -9.83
C ALA A 33 -30.12 -22.13 -10.56
N GLY A 34 -29.40 -22.96 -11.33
CA GLY A 34 -30.00 -24.10 -12.04
C GLY A 34 -30.28 -23.94 -13.55
N TYR A 35 -29.86 -22.82 -14.12
CA TYR A 35 -30.01 -22.63 -15.55
C TYR A 35 -29.01 -23.44 -16.35
N LYS A 36 -29.42 -23.82 -17.56
CA LYS A 36 -28.51 -24.26 -18.59
C LYS A 36 -27.95 -22.99 -19.27
N VAL A 37 -26.64 -22.92 -19.35
CA VAL A 37 -25.95 -21.73 -19.88
C VAL A 37 -24.90 -22.18 -20.87
N THR A 38 -24.71 -21.38 -21.91
CA THR A 38 -23.63 -21.57 -22.84
C THR A 38 -23.00 -20.22 -23.10
N VAL A 39 -21.68 -20.14 -22.94
CA VAL A 39 -20.93 -18.93 -23.22
C VAL A 39 -20.21 -19.07 -24.57
N LEU A 40 -20.35 -18.04 -25.41
CA LEU A 40 -19.65 -17.99 -26.68
C LEU A 40 -18.62 -16.88 -26.71
N GLU A 41 -17.35 -17.27 -26.67
CA GLU A 41 -16.25 -16.32 -26.61
C GLU A 41 -15.42 -16.39 -27.88
N ALA A 42 -15.10 -15.23 -28.45
CA ALA A 42 -14.40 -15.14 -29.73
C ALA A 42 -12.92 -15.52 -29.57
N ARG A 43 -12.35 -15.17 -28.42
CA ARG A 43 -10.95 -15.41 -28.14
C ARG A 43 -10.77 -16.82 -27.66
N THR A 44 -9.52 -17.17 -27.38
CA THR A 44 -9.18 -18.49 -26.87
C THR A 44 -8.91 -18.46 -25.38
N ARG A 45 -9.04 -17.30 -24.79
CA ARG A 45 -8.90 -17.09 -23.34
C ARG A 45 -10.18 -16.49 -22.74
N PRO A 46 -10.36 -16.62 -21.42
CA PRO A 46 -11.44 -15.94 -20.68
C PRO A 46 -10.97 -14.59 -20.19
N GLY A 47 -11.84 -13.57 -20.28
CA GLY A 47 -11.56 -12.32 -19.58
C GLY A 47 -11.61 -11.02 -20.34
N GLY A 48 -11.65 -11.07 -21.66
CA GLY A 48 -11.79 -9.86 -22.44
C GLY A 48 -10.75 -8.82 -22.15
N ARG A 49 -11.20 -7.62 -21.78
CA ARG A 49 -10.31 -6.51 -21.46
C ARG A 49 -9.51 -6.75 -20.17
N VAL A 50 -9.77 -7.86 -19.51
CA VAL A 50 -8.86 -8.34 -18.44
C VAL A 50 -7.93 -9.36 -19.08
N TRP A 51 -6.74 -8.89 -19.42
CA TRP A 51 -5.76 -9.65 -20.16
C TRP A 51 -4.39 -9.46 -19.58
N THR A 52 -3.78 -10.59 -19.20
CA THR A 52 -2.45 -10.61 -18.61
C THR A 52 -1.42 -11.20 -19.59
N ALA A 53 -0.35 -10.45 -19.84
CA ALA A 53 0.71 -10.86 -20.78
C ALA A 53 1.79 -11.62 -20.04
N ARG A 54 2.01 -12.87 -20.45
CA ARG A 54 3.10 -13.66 -19.91
C ARG A 54 3.82 -14.44 -21.01
N GLY A 55 4.91 -15.08 -20.62
CA GLY A 55 5.64 -15.92 -21.53
C GLY A 55 4.74 -16.83 -22.30
N GLY A 56 4.75 -16.73 -23.63
CA GLY A 56 3.88 -17.53 -24.47
C GLY A 56 2.76 -16.75 -25.14
N SER A 57 2.31 -15.68 -24.51
CA SER A 57 1.25 -14.90 -25.10
C SER A 57 1.63 -14.44 -26.52
N GLU A 58 0.72 -14.70 -27.45
CA GLU A 58 0.83 -14.19 -28.80
C GLU A 58 -0.46 -13.45 -29.18
N GLU A 59 -0.32 -12.26 -29.75
CA GLU A 59 -1.45 -11.47 -30.18
C GLU A 59 -1.11 -10.83 -31.51
N THR A 60 -2.04 -10.91 -32.45
CA THR A 60 -1.99 -10.20 -33.74
C THR A 60 -3.02 -9.08 -33.71
N ASP A 61 -2.55 -7.85 -33.85
CA ASP A 61 -3.48 -6.72 -33.75
C ASP A 61 -4.12 -6.40 -35.09
N LEU A 62 -5.02 -5.41 -35.11
CA LEU A 62 -5.83 -5.13 -36.30
C LEU A 62 -5.01 -4.52 -37.44
N SER A 63 -3.77 -4.15 -37.15
CA SER A 63 -2.81 -3.70 -38.17
C SER A 63 -2.03 -4.91 -38.73
N GLY A 64 -2.31 -6.09 -38.20
CA GLY A 64 -1.69 -7.31 -38.66
C GLY A 64 -0.30 -7.61 -38.09
N GLU A 65 0.12 -6.82 -37.11
CA GLU A 65 1.36 -7.09 -36.41
C GLU A 65 1.15 -8.13 -35.33
N THR A 66 2.02 -9.13 -35.29
CA THR A 66 1.98 -10.23 -34.31
C THR A 66 3.10 -10.06 -33.31
N GLN A 67 2.73 -9.94 -32.05
CA GLN A 67 3.72 -9.91 -30.97
C GLN A 67 3.70 -11.22 -30.20
N LYS A 68 4.90 -11.69 -29.85
CA LYS A 68 5.08 -12.88 -29.01
C LYS A 68 5.81 -12.50 -27.72
N CYS A 69 5.10 -12.62 -26.60
CA CYS A 69 5.66 -12.33 -25.29
C CYS A 69 6.59 -13.43 -24.79
N THR A 70 7.76 -13.03 -24.33
CA THR A 70 8.79 -13.97 -23.86
C THR A 70 9.25 -13.70 -22.42
N PHE A 71 8.40 -13.06 -21.62
CA PHE A 71 8.76 -12.82 -20.21
C PHE A 71 9.14 -14.09 -19.52
N SER A 72 10.06 -13.99 -18.58
CA SER A 72 10.46 -15.12 -17.75
C SER A 72 9.29 -15.70 -16.97
N GLU A 73 9.38 -16.99 -16.67
CA GLU A 73 8.32 -17.68 -15.94
C GLU A 73 8.07 -16.96 -14.62
N GLY A 74 6.80 -16.77 -14.30
CA GLY A 74 6.39 -16.04 -13.11
C GLY A 74 6.22 -14.56 -13.32
N HIS A 75 6.80 -14.01 -14.39
CA HIS A 75 6.72 -12.57 -14.68
C HIS A 75 5.63 -12.22 -15.73
N PHE A 76 4.94 -11.11 -15.47
CA PHE A 76 3.79 -10.72 -16.23
C PHE A 76 3.46 -9.28 -16.00
N TYR A 77 2.59 -8.74 -16.85
CA TYR A 77 1.82 -7.56 -16.51
C TYR A 77 0.39 -7.63 -17.04
N ASN A 78 -0.44 -6.83 -16.40
CA ASN A 78 -1.84 -6.70 -16.77
C ASN A 78 -1.96 -5.65 -17.83
N VAL A 79 -2.32 -6.08 -19.04
CA VAL A 79 -2.45 -5.18 -20.17
C VAL A 79 -3.74 -4.38 -20.10
N GLY A 80 -4.74 -4.94 -19.42
CA GLY A 80 -5.92 -4.20 -19.04
C GLY A 80 -6.04 -3.99 -17.54
N ALA A 81 -7.11 -4.54 -16.98
CA ALA A 81 -7.42 -4.31 -15.57
C ALA A 81 -6.25 -4.74 -14.70
N THR A 82 -5.85 -3.88 -13.77
CA THR A 82 -4.71 -4.15 -12.91
C THR A 82 -4.88 -3.89 -11.40
N ARG A 83 -5.87 -3.10 -10.99
CA ARG A 83 -5.98 -2.68 -9.62
C ARG A 83 -7.45 -2.55 -9.22
N ILE A 84 -7.72 -2.85 -7.94
CA ILE A 84 -9.09 -2.93 -7.42
C ILE A 84 -9.18 -2.21 -6.08
N PRO A 85 -10.13 -1.25 -5.95
CA PRO A 85 -10.41 -0.64 -4.65
C PRO A 85 -11.24 -1.54 -3.76
N GLN A 86 -11.29 -1.18 -2.48
CA GLN A 86 -11.81 -2.06 -1.46
C GLN A 86 -13.33 -2.24 -1.59
N SER A 87 -13.99 -1.22 -2.11
CA SER A 87 -15.47 -1.20 -2.25
C SER A 87 -16.05 -2.08 -3.32
N HIS A 88 -15.20 -2.54 -4.25
CA HIS A 88 -15.64 -3.19 -5.48
C HIS A 88 -15.97 -4.67 -5.25
N ILE A 89 -17.04 -5.10 -5.91
CA ILE A 89 -17.52 -6.49 -5.77
C ILE A 89 -16.50 -7.51 -6.33
N THR A 90 -15.58 -7.03 -7.14
CA THR A 90 -14.47 -7.80 -7.62
C THR A 90 -13.72 -8.54 -6.50
N LEU A 91 -13.59 -7.89 -5.35
CA LEU A 91 -12.93 -8.52 -4.21
C LEU A 91 -13.75 -9.67 -3.64
N ASP A 92 -15.06 -9.49 -3.63
CA ASP A 92 -15.96 -10.52 -3.12
C ASP A 92 -15.90 -11.74 -4.00
N TYR A 93 -15.80 -11.50 -5.29
CA TYR A 93 -15.66 -12.58 -6.22
C TYR A 93 -14.30 -13.26 -6.08
N CYS A 94 -13.23 -12.50 -5.83
CA CYS A 94 -11.96 -13.13 -5.52
C CYS A 94 -12.08 -14.08 -4.32
N ARG A 95 -12.85 -13.69 -3.32
CA ARG A 95 -13.11 -14.55 -2.16
C ARG A 95 -13.87 -15.79 -2.52
N GLU A 96 -14.99 -15.62 -3.21
CA GLU A 96 -15.83 -16.74 -3.63
C GLU A 96 -15.10 -17.76 -4.53
N LEU A 97 -14.16 -17.27 -5.31
CA LEU A 97 -13.49 -18.09 -6.29
C LEU A 97 -12.18 -18.66 -5.76
N GLY A 98 -11.76 -18.19 -4.60
CA GLY A 98 -10.47 -18.61 -4.01
C GLY A 98 -9.23 -18.01 -4.68
N VAL A 99 -9.37 -16.82 -5.24
CA VAL A 99 -8.31 -16.15 -5.94
C VAL A 99 -7.59 -15.22 -4.98
N GLU A 100 -6.38 -15.60 -4.59
CA GLU A 100 -5.61 -14.79 -3.66
C GLU A 100 -5.27 -13.41 -4.22
N ILE A 101 -5.37 -12.43 -3.35
CA ILE A 101 -5.02 -11.05 -3.64
C ILE A 101 -3.82 -10.63 -2.84
N GLN A 102 -3.24 -9.51 -3.28
CA GLN A 102 -2.15 -8.85 -2.61
C GLN A 102 -2.33 -7.36 -2.83
N GLY A 103 -1.66 -6.56 -1.99
CA GLY A 103 -1.67 -5.13 -2.14
C GLY A 103 -1.03 -4.64 -3.43
N PHE A 104 -1.70 -3.67 -4.03
CA PHE A 104 -1.23 -3.00 -5.22
C PHE A 104 -0.71 -1.64 -4.84
N GLY A 105 0.53 -1.38 -5.19
CA GLY A 105 1.16 -0.08 -4.89
C GLY A 105 0.65 1.06 -5.76
N ASN A 106 -0.35 1.78 -5.26
CA ASN A 106 -0.98 2.86 -6.02
C ASN A 106 -0.59 4.23 -5.55
N GLN A 107 0.37 4.26 -4.61
CA GLN A 107 0.93 5.49 -4.06
C GLN A 107 2.31 5.19 -3.53
N ASN A 108 3.28 6.01 -3.90
CA ASN A 108 4.64 5.85 -3.44
C ASN A 108 5.31 7.20 -3.38
N ALA A 109 5.92 7.49 -2.22
CA ALA A 109 6.69 8.67 -1.94
C ALA A 109 7.96 8.74 -2.80
N ASN A 110 8.48 7.58 -3.20
CA ASN A 110 9.79 7.51 -3.85
C ASN A 110 9.78 7.50 -5.37
N THR A 111 8.61 7.34 -5.98
CA THR A 111 8.51 7.43 -7.45
C THR A 111 8.56 8.92 -7.81
N PHE A 112 8.70 9.20 -9.09
CA PHE A 112 8.95 10.55 -9.58
C PHE A 112 7.74 11.23 -10.22
N VAL A 113 7.76 12.55 -10.15
CA VAL A 113 6.95 13.41 -11.03
C VAL A 113 7.92 14.19 -11.92
N ASN A 114 7.51 14.40 -13.17
CA ASN A 114 8.32 15.09 -14.16
C ASN A 114 7.41 15.78 -15.19
N TYR A 115 7.43 17.10 -15.18
CA TYR A 115 6.55 17.87 -16.06
C TYR A 115 7.28 19.05 -16.67
N GLN A 116 6.77 19.52 -17.80
CA GLN A 116 7.28 20.72 -18.46
C GLN A 116 6.62 21.93 -17.81
N SER A 117 7.38 23.03 -17.69
CA SER A 117 6.89 24.27 -17.13
C SER A 117 7.88 25.41 -17.49
N ASP A 118 7.48 26.63 -17.19
CA ASP A 118 8.37 27.79 -17.37
C ASP A 118 9.14 28.05 -16.09
N THR A 119 9.71 26.98 -15.54
CA THR A 119 10.56 27.03 -14.36
C THR A 119 11.79 26.15 -14.57
N SER A 120 12.76 26.26 -13.67
CA SER A 120 13.96 25.42 -13.67
C SER A 120 13.67 23.93 -13.28
N LEU A 121 12.42 23.67 -12.87
CA LEU A 121 11.94 22.33 -12.59
C LEU A 121 11.35 21.64 -13.84
N SER A 122 11.28 22.38 -14.95
CA SER A 122 10.81 21.82 -16.20
C SER A 122 11.63 20.58 -16.61
N GLY A 123 10.93 19.46 -16.72
CA GLY A 123 11.50 18.21 -17.14
C GLY A 123 12.36 17.50 -16.11
N GLN A 124 12.48 18.11 -14.94
CA GLN A 124 13.28 17.59 -13.84
C GLN A 124 12.42 16.60 -13.01
N SER A 125 13.00 15.47 -12.68
CA SER A 125 12.33 14.44 -11.90
C SER A 125 12.49 14.78 -10.44
N VAL A 126 11.39 14.76 -9.71
CA VAL A 126 11.32 15.14 -8.30
C VAL A 126 10.53 14.00 -7.62
N THR A 127 10.97 13.52 -6.46
CA THR A 127 10.21 12.44 -5.78
C THR A 127 8.88 13.00 -5.31
N TYR A 128 7.86 12.15 -5.22
CA TYR A 128 6.61 12.60 -4.64
C TYR A 128 6.77 13.22 -3.25
N ARG A 129 7.55 12.63 -2.37
CA ARG A 129 7.65 13.14 -0.99
C ARG A 129 8.29 14.54 -0.95
N ALA A 130 9.19 14.80 -1.89
CA ALA A 130 9.78 16.12 -2.02
C ALA A 130 8.76 17.11 -2.57
N ALA A 131 8.13 16.75 -3.67
CA ALA A 131 7.12 17.58 -4.33
C ALA A 131 5.96 17.90 -3.35
N LYS A 132 5.55 16.89 -2.60
CA LYS A 132 4.53 17.03 -1.56
C LYS A 132 4.92 17.93 -0.40
N ALA A 133 6.13 17.75 0.13
CA ALA A 133 6.62 18.56 1.25
C ALA A 133 6.76 20.04 0.86
N ASP A 134 7.24 20.27 -0.35
CA ASP A 134 7.38 21.64 -0.84
C ASP A 134 6.00 22.28 -1.09
N THR A 135 5.17 21.59 -1.87
CA THR A 135 3.82 22.10 -2.19
C THR A 135 2.98 22.36 -0.94
N PHE A 136 2.91 21.38 -0.05
CA PHE A 136 2.15 21.49 1.19
C PHE A 136 2.80 22.39 2.23
N GLY A 137 4.12 22.54 2.15
CA GLY A 137 4.79 23.48 2.99
C GLY A 137 4.48 24.92 2.63
N TYR A 138 4.60 25.25 1.35
CA TYR A 138 4.32 26.61 0.90
C TYR A 138 2.81 26.97 0.93
N MET A 139 1.96 26.04 0.53
CA MET A 139 0.50 26.14 0.68
C MET A 139 0.11 26.40 2.14
N SER A 140 0.64 25.63 3.07
CA SER A 140 0.35 25.82 4.50
C SER A 140 0.88 27.16 5.03
N GLU A 141 2.02 27.60 4.51
CA GLU A 141 2.59 28.89 4.89
C GLU A 141 1.72 30.03 4.39
N LEU A 142 1.31 29.94 3.14
CA LEU A 142 0.47 30.95 2.53
C LEU A 142 -0.87 31.10 3.23
N LEU A 143 -1.56 29.99 3.47
CA LEU A 143 -2.85 30.03 4.19
C LEU A 143 -2.70 30.56 5.60
N LYS A 144 -1.60 30.20 6.27
CA LYS A 144 -1.30 30.78 7.57
C LYS A 144 -1.04 32.28 7.47
N LYS A 145 -0.27 32.71 6.47
CA LYS A 145 -0.10 34.15 6.23
C LYS A 145 -1.44 34.88 6.06
N ALA A 146 -2.34 34.33 5.25
CA ALA A 146 -3.67 34.93 5.01
C ALA A 146 -4.52 34.97 6.29
N THR A 147 -4.43 33.90 7.08
CA THR A 147 -5.18 33.82 8.35
C THR A 147 -4.71 34.88 9.35
N ASP A 148 -3.39 34.93 9.57
CA ASP A 148 -2.76 35.92 10.45
C ASP A 148 -3.05 37.36 10.01
N GLN A 149 -3.13 37.53 8.70
CA GLN A 149 -3.39 38.82 8.06
C GLN A 149 -4.82 39.35 8.32
N GLY A 150 -5.75 38.44 8.62
CA GLY A 150 -7.13 38.77 8.90
C GLY A 150 -8.07 38.50 7.73
N ALA A 151 -7.51 37.98 6.64
CA ALA A 151 -8.25 37.76 5.41
C ALA A 151 -9.48 36.88 5.59
N LEU A 152 -9.46 36.02 6.61
CA LEU A 152 -10.50 35.01 6.77
C LEU A 152 -11.26 35.25 8.07
N ASP A 153 -11.23 36.51 8.52
CA ASP A 153 -11.85 36.88 9.80
C ASP A 153 -13.39 36.85 9.75
N GLN A 154 -13.95 36.96 8.55
CA GLN A 154 -15.42 36.90 8.36
C GLN A 154 -16.00 35.48 8.26
N VAL A 155 -15.12 34.47 8.15
CA VAL A 155 -15.57 33.07 8.09
C VAL A 155 -14.94 32.19 9.16
N LEU A 156 -13.95 32.68 9.90
CA LEU A 156 -13.33 31.91 10.95
C LEU A 156 -13.37 32.68 12.27
N SER A 157 -13.70 31.99 13.35
CA SER A 157 -13.62 32.58 14.69
C SER A 157 -12.15 32.70 15.08
N ARG A 158 -11.91 33.24 16.27
CA ARG A 158 -10.55 33.30 16.82
C ARG A 158 -10.04 31.91 17.21
N GLU A 159 -10.95 31.07 17.69
CA GLU A 159 -10.67 29.68 18.02
C GLU A 159 -10.41 28.86 16.77
N ASP A 160 -11.21 29.09 15.74
CA ASP A 160 -10.99 28.48 14.44
C ASP A 160 -9.61 28.78 13.88
N LYS A 161 -9.27 30.07 13.82
CA LYS A 161 -7.94 30.49 13.38
C LYS A 161 -6.79 29.81 14.14
N ASP A 162 -6.92 29.65 15.44
CA ASP A 162 -5.83 29.06 16.19
C ASP A 162 -5.73 27.55 15.91
N ALA A 163 -6.90 26.90 15.83
CA ALA A 163 -6.96 25.49 15.42
C ALA A 163 -6.39 25.29 14.00
N LEU A 164 -6.85 26.11 13.03
CA LEU A 164 -6.39 25.97 11.65
C LEU A 164 -4.88 26.15 11.60
N SER A 165 -4.37 27.10 12.37
CA SER A 165 -2.95 27.39 12.37
C SER A 165 -2.14 26.21 12.85
N GLU A 166 -2.56 25.66 13.98
CA GLU A 166 -1.92 24.48 14.55
C GLU A 166 -1.80 23.36 13.50
N PHE A 167 -2.91 23.09 12.83
CA PHE A 167 -2.93 22.11 11.77
C PHE A 167 -1.94 22.44 10.64
N LEU A 168 -1.89 23.71 10.26
CA LEU A 168 -1.11 24.12 9.11
C LEU A 168 0.37 24.03 9.42
N SER A 169 0.70 24.28 10.67
CA SER A 169 2.08 24.18 11.10
C SER A 169 2.58 22.76 11.03
N ASP A 170 1.73 21.84 11.41
CA ASP A 170 2.13 20.46 11.37
C ASP A 170 2.01 19.87 9.97
N PHE A 171 0.92 20.20 9.28
CA PHE A 171 0.69 19.71 7.90
C PHE A 171 1.80 20.14 6.96
N GLY A 172 2.25 21.39 7.11
CA GLY A 172 3.30 21.99 6.27
C GLY A 172 4.69 21.88 6.87
N ASP A 173 4.78 21.30 8.08
CA ASP A 173 6.06 21.24 8.82
C ASP A 173 6.74 22.61 8.80
N LEU A 174 6.02 23.59 9.32
CA LEU A 174 6.48 24.97 9.31
C LEU A 174 7.39 25.24 10.50
N SER A 175 8.33 26.15 10.31
CA SER A 175 9.07 26.77 11.41
C SER A 175 8.15 27.35 12.50
N ASP A 176 8.74 27.71 13.63
CA ASP A 176 7.95 28.27 14.72
C ASP A 176 7.36 29.62 14.38
N ASP A 177 7.99 30.35 13.45
CA ASP A 177 7.43 31.63 13.01
C ASP A 177 6.64 31.54 11.69
N GLY A 178 6.10 30.36 11.40
CA GLY A 178 5.14 30.17 10.29
C GLY A 178 5.68 30.05 8.87
N ARG A 179 6.96 29.76 8.72
CA ARG A 179 7.59 29.63 7.40
C ARG A 179 7.97 28.20 7.04
N TYR A 180 7.82 27.85 5.77
CA TYR A 180 8.30 26.58 5.28
C TYR A 180 9.78 26.74 4.86
N LEU A 181 10.67 26.04 5.57
CA LEU A 181 12.10 26.13 5.34
C LEU A 181 12.70 24.76 5.05
N GLY A 182 11.84 23.83 4.64
CA GLY A 182 12.27 22.47 4.38
C GLY A 182 11.72 21.48 5.38
N SER A 183 12.08 20.21 5.18
CA SER A 183 11.56 19.13 6.00
C SER A 183 12.32 17.85 5.73
N SER A 184 12.43 17.03 6.76
CA SER A 184 12.87 15.64 6.64
C SER A 184 11.88 14.86 5.77
N ARG A 185 10.69 15.43 5.55
CA ARG A 185 9.67 14.74 4.75
C ARG A 185 10.09 14.71 3.28
N ARG A 186 11.01 15.59 2.89
CA ARG A 186 11.53 15.60 1.53
C ARG A 186 12.42 14.41 1.26
N GLY A 187 12.97 13.80 2.30
CA GLY A 187 13.99 12.81 2.10
C GLY A 187 15.38 13.35 2.32
N TYR A 188 16.35 12.55 1.90
CA TYR A 188 17.73 12.73 2.26
C TYR A 188 18.63 12.42 1.08
N ASP A 189 19.67 13.22 0.95
CA ASP A 189 20.74 12.92 0.02
C ASP A 189 21.69 11.93 0.63
N SER A 190 21.76 11.88 1.95
CA SER A 190 22.54 10.83 2.63
C SER A 190 21.73 10.37 3.83
N GLU A 191 21.52 9.05 3.93
CA GLU A 191 20.57 8.46 4.84
C GLU A 191 21.05 8.52 6.28
N PRO A 192 20.16 8.89 7.21
CA PRO A 192 20.55 8.91 8.62
C PRO A 192 20.93 7.53 9.11
N GLY A 193 22.12 7.42 9.69
CA GLY A 193 22.67 6.14 10.17
C GLY A 193 22.90 6.16 11.66
N ALA A 194 24.01 5.55 12.08
CA ALA A 194 24.31 5.40 13.49
C ALA A 194 25.36 6.40 13.90
N GLY A 195 25.49 6.58 15.22
CA GLY A 195 26.49 7.47 15.78
C GLY A 195 26.28 8.92 15.39
N LEU A 196 27.32 9.53 14.79
CA LEU A 196 27.23 10.92 14.32
C LEU A 196 26.93 11.07 12.82
N ASN A 197 26.37 10.01 12.23
CA ASN A 197 26.03 10.02 10.80
C ASN A 197 24.56 10.41 10.67
N PHE A 198 24.33 11.71 10.82
CA PHE A 198 22.99 12.33 10.89
C PHE A 198 22.25 12.31 9.54
N GLY A 199 23.00 12.11 8.47
CA GLY A 199 22.48 12.22 7.12
C GLY A 199 22.31 13.69 6.75
N THR A 200 21.89 13.93 5.51
CA THR A 200 21.70 15.28 5.04
C THR A 200 20.38 15.38 4.24
N GLU A 201 19.47 16.20 4.74
CA GLU A 201 18.17 16.40 4.09
C GLU A 201 18.35 16.98 2.69
N LYS A 202 17.40 16.66 1.84
CA LYS A 202 17.28 17.31 0.58
C LYS A 202 16.68 18.70 0.79
N LYS A 203 17.28 19.71 0.16
CA LYS A 203 16.88 21.09 0.35
C LYS A 203 15.67 21.47 -0.50
N PRO A 204 14.81 22.35 0.03
CA PRO A 204 13.60 22.72 -0.67
C PRO A 204 13.85 23.57 -1.91
N PHE A 205 12.93 23.49 -2.87
CA PHE A 205 12.83 24.47 -3.93
C PHE A 205 12.10 25.73 -3.45
N ALA A 206 12.27 26.81 -4.19
CA ALA A 206 11.71 28.11 -3.86
C ALA A 206 10.22 28.13 -4.16
N MET A 207 9.50 29.01 -3.47
CA MET A 207 8.05 29.00 -3.56
C MET A 207 7.53 29.18 -4.98
N GLN A 208 7.92 30.26 -5.65
CA GLN A 208 7.35 30.57 -6.97
C GLN A 208 7.62 29.46 -7.97
N GLU A 209 8.80 28.86 -7.92
CA GLU A 209 9.10 27.74 -8.84
C GLU A 209 8.30 26.48 -8.51
N VAL A 210 8.01 26.28 -7.24
CA VAL A 210 7.18 25.16 -6.86
C VAL A 210 5.74 25.32 -7.38
N ILE A 211 5.21 26.53 -7.23
CA ILE A 211 3.84 26.81 -7.66
C ILE A 211 3.74 26.74 -9.18
N ARG A 212 4.69 27.38 -9.86
CA ARG A 212 4.66 27.46 -11.32
C ARG A 212 5.09 26.21 -12.06
N SER A 213 5.72 25.28 -11.35
CA SER A 213 6.18 24.04 -11.96
C SER A 213 5.01 23.09 -12.17
N GLY A 214 3.97 23.24 -11.35
CA GLY A 214 2.85 22.29 -11.36
C GLY A 214 3.20 20.89 -10.88
N ILE A 215 4.21 20.78 -10.02
CA ILE A 215 4.64 19.46 -9.53
C ILE A 215 3.61 18.75 -8.63
N GLY A 216 2.61 19.52 -8.19
CA GLY A 216 1.45 19.01 -7.44
C GLY A 216 0.20 18.66 -8.24
N ARG A 217 0.29 18.71 -9.58
CA ARG A 217 -0.85 18.52 -10.46
C ARG A 217 -1.51 17.13 -10.38
N ASN A 218 -0.75 16.13 -9.95
CA ASN A 218 -1.27 14.77 -9.87
C ASN A 218 -1.58 14.30 -8.45
N PHE A 219 -1.35 15.15 -7.45
CA PHE A 219 -1.52 14.72 -6.04
C PHE A 219 -2.94 14.27 -5.76
N SER A 220 -3.91 14.90 -6.41
CA SER A 220 -5.33 14.56 -6.15
C SER A 220 -5.69 13.13 -6.60
N PHE A 221 -4.88 12.56 -7.50
CA PHE A 221 -5.05 11.16 -7.89
C PHE A 221 -5.16 10.28 -6.68
N ASP A 222 -4.40 10.60 -5.62
CA ASP A 222 -4.37 9.83 -4.37
C ASP A 222 -5.76 9.70 -3.72
N PHE A 223 -6.64 10.64 -4.05
CA PHE A 223 -7.96 10.76 -3.43
C PHE A 223 -9.10 10.09 -4.22
N GLY A 224 -8.86 9.74 -5.48
CA GLY A 224 -9.91 9.15 -6.29
C GLY A 224 -10.60 7.99 -5.58
N TYR A 225 -11.93 8.00 -5.61
CA TYR A 225 -12.65 6.99 -4.83
C TYR A 225 -12.24 5.57 -5.15
N ASP A 226 -11.98 5.31 -6.44
CA ASP A 226 -11.58 3.99 -6.93
C ASP A 226 -10.03 3.77 -7.00
N GLN A 227 -9.27 4.77 -6.57
CA GLN A 227 -7.81 4.80 -6.66
C GLN A 227 -7.09 4.91 -5.32
N ALA A 228 -7.77 5.39 -4.29
CA ALA A 228 -7.13 5.62 -3.01
C ALA A 228 -6.68 4.31 -2.40
N MET A 229 -5.51 4.36 -1.78
CA MET A 229 -5.02 3.25 -0.99
C MET A 229 -5.94 3.02 0.20
N MET A 230 -6.13 1.76 0.63
CA MET A 230 -5.49 0.58 0.05
C MET A 230 -6.16 0.06 -1.26
N MET A 231 -5.30 -0.43 -2.15
CA MET A 231 -5.70 -1.02 -3.43
C MET A 231 -5.13 -2.45 -3.51
N PHE A 232 -5.75 -3.27 -4.35
CA PHE A 232 -5.43 -4.69 -4.44
C PHE A 232 -5.42 -5.22 -5.85
N THR A 233 -4.85 -6.41 -6.00
CA THR A 233 -4.72 -7.08 -7.28
C THR A 233 -4.43 -8.57 -7.02
N PRO A 234 -4.98 -9.47 -7.86
CA PRO A 234 -4.70 -10.89 -7.71
C PRO A 234 -3.23 -11.26 -7.86
N VAL A 235 -2.73 -12.09 -6.95
CA VAL A 235 -1.39 -12.64 -7.12
C VAL A 235 -1.31 -13.37 -8.46
N GLY A 236 -0.36 -13.00 -9.28
CA GLY A 236 -0.08 -13.74 -10.49
C GLY A 236 -0.84 -13.33 -11.72
N GLY A 237 -1.63 -12.26 -11.59
CA GLY A 237 -2.33 -11.67 -12.72
C GLY A 237 -3.83 -11.47 -12.50
N MET A 238 -4.38 -10.41 -13.07
CA MET A 238 -5.81 -10.15 -12.95
C MET A 238 -6.68 -11.21 -13.66
N ASP A 239 -6.10 -11.90 -14.65
CA ASP A 239 -6.85 -12.88 -15.41
C ASP A 239 -7.14 -14.14 -14.61
N ARG A 240 -6.46 -14.29 -13.48
CA ARG A 240 -6.71 -15.43 -12.62
C ARG A 240 -8.14 -15.48 -12.07
N ILE A 241 -8.79 -14.34 -11.97
CA ILE A 241 -10.20 -14.28 -11.61
C ILE A 241 -11.03 -15.01 -12.69
N TYR A 242 -10.71 -14.77 -13.95
CA TYR A 242 -11.53 -15.25 -15.05
C TYR A 242 -11.24 -16.66 -15.50
N TYR A 243 -10.02 -17.12 -15.22
CA TYR A 243 -9.72 -18.56 -15.25
C TYR A 243 -10.37 -19.33 -14.09
N ALA A 244 -10.55 -18.67 -12.94
CA ALA A 244 -11.26 -19.27 -11.83
C ALA A 244 -12.77 -19.37 -12.16
N PHE A 245 -13.33 -18.32 -12.73
CA PHE A 245 -14.70 -18.35 -13.28
C PHE A 245 -14.90 -19.47 -14.33
N GLN A 246 -13.96 -19.55 -15.28
CA GLN A 246 -13.96 -20.55 -16.35
C GLN A 246 -13.97 -21.95 -15.79
N ASP A 247 -13.15 -22.18 -14.78
CA ASP A 247 -13.08 -23.50 -14.18
C ASP A 247 -14.39 -23.88 -13.48
N ARG A 248 -15.01 -22.90 -12.82
CA ARG A 248 -16.25 -23.13 -12.09
C ARG A 248 -17.46 -23.41 -13.02
N ILE A 249 -17.56 -22.61 -14.07
CA ILE A 249 -18.55 -22.79 -15.12
C ILE A 249 -18.38 -24.12 -15.86
N GLY A 250 -17.13 -24.45 -16.18
CA GLY A 250 -16.77 -25.67 -16.88
C GLY A 250 -16.56 -25.38 -18.34
N THR A 251 -15.42 -25.80 -18.87
CA THR A 251 -15.12 -25.56 -20.28
C THR A 251 -16.12 -26.21 -21.24
N ASP A 252 -16.86 -27.21 -20.76
CA ASP A 252 -17.99 -27.77 -21.52
C ASP A 252 -19.05 -26.72 -21.86
N ASN A 253 -19.19 -25.71 -21.03
CA ASN A 253 -20.23 -24.71 -21.15
C ASN A 253 -19.75 -23.42 -21.80
N ILE A 254 -18.51 -23.43 -22.27
CA ILE A 254 -17.88 -22.27 -22.90
C ILE A 254 -17.27 -22.69 -24.23
N VAL A 255 -17.77 -22.08 -25.30
CA VAL A 255 -17.17 -22.29 -26.60
C VAL A 255 -16.20 -21.15 -26.85
N PHE A 256 -14.90 -21.47 -26.82
CA PHE A 256 -13.87 -20.53 -27.18
C PHE A 256 -13.68 -20.56 -28.70
N GLY A 257 -13.00 -19.55 -29.21
CA GLY A 257 -12.87 -19.40 -30.63
C GLY A 257 -14.18 -19.37 -31.37
N ALA A 258 -15.21 -18.83 -30.71
CA ALA A 258 -16.55 -18.71 -31.25
C ALA A 258 -16.78 -17.26 -31.61
N GLU A 259 -16.84 -16.98 -32.89
CA GLU A 259 -17.07 -15.63 -33.35
C GLU A 259 -18.51 -15.46 -33.76
N VAL A 260 -19.26 -14.82 -32.86
CA VAL A 260 -20.67 -14.53 -33.11
C VAL A 260 -20.81 -13.60 -34.32
N THR A 261 -21.70 -13.98 -35.22
CA THR A 261 -21.99 -13.21 -36.43
C THR A 261 -23.46 -12.81 -36.57
N SER A 262 -24.33 -13.39 -35.74
CA SER A 262 -25.76 -13.10 -35.80
C SER A 262 -26.44 -13.33 -34.43
N MET A 263 -27.38 -12.44 -34.09
CA MET A 263 -28.15 -12.52 -32.86
C MET A 263 -29.56 -12.01 -33.13
N LYS A 264 -30.54 -12.93 -33.06
CA LYS A 264 -31.90 -12.57 -33.39
C LYS A 264 -32.93 -13.14 -32.45
N ASN A 265 -33.86 -12.26 -32.09
CA ASN A 265 -35.05 -12.71 -31.37
C ASN A 265 -35.83 -13.63 -32.28
N VAL A 266 -36.14 -14.81 -31.76
CA VAL A 266 -36.98 -15.77 -32.45
C VAL A 266 -38.16 -16.22 -31.58
N SER A 267 -39.06 -16.97 -32.18
CA SER A 267 -40.27 -17.40 -31.47
C SER A 267 -39.93 -18.12 -30.17
N GLU A 268 -38.89 -18.93 -30.21
CA GLU A 268 -38.50 -19.77 -29.06
C GLU A 268 -37.47 -19.14 -28.11
N GLY A 269 -37.06 -17.90 -28.40
CA GLY A 269 -36.09 -17.25 -27.53
C GLY A 269 -35.13 -16.41 -28.34
N VAL A 270 -33.85 -16.78 -28.34
CA VAL A 270 -32.83 -16.10 -29.12
C VAL A 270 -31.93 -17.08 -29.79
N THR A 271 -31.75 -16.88 -31.10
CA THR A 271 -30.86 -17.69 -31.91
C THR A 271 -29.61 -16.85 -32.25
N VAL A 272 -28.46 -17.47 -32.05
CA VAL A 272 -27.15 -16.84 -32.20
C VAL A 272 -26.34 -17.73 -33.11
N GLU A 273 -25.92 -17.17 -34.23
CA GLU A 273 -25.07 -17.90 -35.17
C GLU A 273 -23.66 -17.43 -34.91
N TYR A 274 -22.72 -18.38 -35.00
CA TYR A 274 -21.30 -18.15 -34.74
C TYR A 274 -20.43 -19.12 -35.51
N THR A 275 -19.22 -18.67 -35.82
CA THR A 275 -18.24 -19.52 -36.46
C THR A 275 -17.25 -20.01 -35.44
N ALA A 276 -17.11 -21.32 -35.42
CA ALA A 276 -16.22 -21.98 -34.50
C ALA A 276 -15.71 -23.25 -35.16
N GLY A 277 -14.39 -23.34 -35.20
CA GLY A 277 -13.70 -24.45 -35.84
C GLY A 277 -13.89 -24.48 -37.35
N GLY A 278 -14.04 -23.29 -37.93
CA GLY A 278 -14.24 -23.14 -39.39
C GLY A 278 -15.68 -23.29 -39.85
N SER A 279 -16.54 -23.77 -38.95
CA SER A 279 -17.93 -24.10 -39.28
C SER A 279 -18.89 -23.03 -38.79
N LYS A 280 -19.98 -22.88 -39.55
CA LYS A 280 -21.15 -22.11 -39.12
C LYS A 280 -22.00 -22.94 -38.15
N LYS A 281 -22.16 -22.42 -36.93
CA LYS A 281 -22.95 -23.07 -35.89
C LYS A 281 -24.07 -22.15 -35.44
N SER A 282 -25.10 -22.76 -34.86
CA SER A 282 -26.23 -22.02 -34.37
C SER A 282 -26.58 -22.58 -33.00
N ILE A 283 -26.99 -21.69 -32.12
CA ILE A 283 -27.51 -22.09 -30.82
C ILE A 283 -28.73 -21.22 -30.51
N THR A 284 -29.78 -21.86 -29.97
CA THR A 284 -30.99 -21.19 -29.58
C THR A 284 -31.18 -21.42 -28.08
N ALA A 285 -31.52 -20.36 -27.37
CA ALA A 285 -31.80 -20.43 -25.94
C ALA A 285 -32.96 -19.51 -25.58
N ASP A 286 -33.55 -19.76 -24.40
CA ASP A 286 -34.69 -18.97 -23.95
C ASP A 286 -34.39 -17.47 -23.90
N TYR A 287 -33.16 -17.15 -23.50
CA TYR A 287 -32.73 -15.78 -23.28
C TYR A 287 -31.32 -15.64 -23.76
N ALA A 288 -30.93 -14.43 -24.12
CA ALA A 288 -29.51 -14.14 -24.40
C ALA A 288 -29.04 -12.92 -23.62
N ILE A 289 -27.82 -13.00 -23.08
CA ILE A 289 -27.14 -11.85 -22.47
C ILE A 289 -25.97 -11.43 -23.34
N CYS A 290 -26.13 -10.30 -24.02
CA CYS A 290 -25.13 -9.84 -24.96
C CYS A 290 -24.13 -8.91 -24.28
N THR A 291 -22.90 -9.38 -24.11
CA THR A 291 -21.82 -8.58 -23.50
C THR A 291 -20.74 -8.10 -24.48
N ILE A 292 -20.93 -8.32 -25.77
CA ILE A 292 -20.04 -7.80 -26.81
C ILE A 292 -20.06 -6.27 -26.74
N PRO A 293 -18.88 -5.62 -26.77
CA PRO A 293 -18.83 -4.17 -26.73
C PRO A 293 -19.78 -3.49 -27.73
N PRO A 294 -20.49 -2.46 -27.25
CA PRO A 294 -21.63 -1.88 -27.96
C PRO A 294 -21.31 -1.43 -29.40
N HIS A 295 -20.11 -0.95 -29.64
CA HIS A 295 -19.73 -0.53 -31.01
C HIS A 295 -19.53 -1.69 -31.96
N LEU A 296 -19.39 -2.90 -31.41
CA LEU A 296 -19.24 -4.12 -32.21
C LEU A 296 -20.58 -4.85 -32.43
N VAL A 297 -21.59 -4.53 -31.61
CA VAL A 297 -22.89 -5.23 -31.71
C VAL A 297 -23.59 -4.92 -33.06
N GLY A 298 -23.49 -3.68 -33.50
CA GLY A 298 -24.05 -3.26 -34.80
C GLY A 298 -23.56 -4.05 -36.00
N ARG A 299 -22.33 -4.55 -35.90
CA ARG A 299 -21.75 -5.33 -36.97
C ARG A 299 -22.42 -6.67 -37.14
N LEU A 300 -23.06 -7.18 -36.09
CA LEU A 300 -23.75 -8.44 -36.20
C LEU A 300 -24.97 -8.32 -37.12
N GLN A 301 -25.37 -9.45 -37.68
CA GLN A 301 -26.71 -9.57 -38.23
C GLN A 301 -27.68 -9.72 -37.06
N ASN A 302 -28.75 -8.94 -37.10
CA ASN A 302 -29.66 -8.83 -35.98
C ASN A 302 -31.07 -8.40 -36.41
N ASN A 303 -32.01 -8.47 -35.48
CA ASN A 303 -33.33 -7.87 -35.71
C ASN A 303 -33.69 -6.90 -34.60
N LEU A 304 -32.69 -6.11 -34.21
CA LEU A 304 -32.84 -5.12 -33.16
C LEU A 304 -33.56 -3.91 -33.74
N PRO A 305 -34.44 -3.29 -32.96
CA PRO A 305 -35.15 -2.10 -33.40
C PRO A 305 -34.24 -0.92 -33.62
N GLY A 306 -34.61 -0.07 -34.58
CA GLY A 306 -33.80 1.07 -34.99
C GLY A 306 -33.25 1.91 -33.85
N ASP A 307 -34.10 2.19 -32.87
CA ASP A 307 -33.75 3.05 -31.76
C ASP A 307 -32.75 2.37 -30.79
N VAL A 308 -32.73 1.04 -30.81
CA VAL A 308 -31.71 0.27 -30.05
C VAL A 308 -30.33 0.31 -30.74
N LEU A 309 -30.35 0.18 -32.06
CA LEU A 309 -29.15 0.29 -32.86
C LEU A 309 -28.58 1.72 -32.80
N THR A 310 -29.45 2.73 -32.72
CA THR A 310 -28.99 4.13 -32.56
C THR A 310 -28.39 4.37 -31.16
N ALA A 311 -29.04 3.83 -30.13
CA ALA A 311 -28.53 3.91 -28.75
C ALA A 311 -27.11 3.31 -28.60
N LEU A 312 -26.89 2.14 -29.20
CA LEU A 312 -25.60 1.44 -29.15
C LEU A 312 -24.42 2.26 -29.67
N LYS A 313 -24.73 3.11 -30.64
CA LYS A 313 -23.74 3.97 -31.26
C LYS A 313 -23.29 5.16 -30.38
N ALA A 314 -24.07 5.48 -29.37
CA ALA A 314 -23.73 6.59 -28.49
C ALA A 314 -22.65 6.26 -27.44
N ALA A 315 -22.30 4.97 -27.29
CA ALA A 315 -21.26 4.54 -26.41
C ALA A 315 -19.94 4.54 -27.17
N LYS A 316 -19.33 5.71 -27.26
CA LYS A 316 -18.17 5.89 -28.12
C LYS A 316 -16.93 5.15 -27.62
N PRO A 317 -16.16 4.54 -28.52
CA PRO A 317 -14.97 3.84 -28.08
C PRO A 317 -13.81 4.79 -27.75
N SER A 318 -12.86 4.27 -27.00
CA SER A 318 -11.79 5.10 -26.52
C SER A 318 -10.45 4.37 -26.57
N SER A 319 -9.38 5.17 -26.61
CA SER A 319 -8.03 4.62 -26.69
C SER A 319 -7.40 4.50 -25.35
N SER A 320 -6.76 3.37 -25.16
CA SER A 320 -5.82 3.20 -24.07
C SER A 320 -4.88 2.06 -24.39
N GLY A 321 -3.72 2.09 -23.76
CA GLY A 321 -2.73 1.05 -24.02
C GLY A 321 -1.59 1.05 -23.02
N LYS A 322 -0.80 -0.02 -23.09
CA LYS A 322 0.33 -0.22 -22.18
C LYS A 322 1.47 -0.86 -22.96
N LEU A 323 2.64 -0.77 -22.37
CA LEU A 323 3.81 -1.53 -22.82
C LEU A 323 4.59 -1.89 -21.57
N GLY A 324 4.96 -3.16 -21.46
CA GLY A 324 5.79 -3.63 -20.40
C GLY A 324 7.14 -4.14 -20.86
N ILE A 325 8.16 -3.83 -20.07
CA ILE A 325 9.55 -4.19 -20.36
C ILE A 325 10.10 -5.06 -19.25
N GLU A 326 10.51 -6.29 -19.57
CA GLU A 326 11.27 -7.09 -18.60
C GLU A 326 12.72 -6.62 -18.56
N TYR A 327 13.13 -6.20 -17.38
CA TYR A 327 14.50 -5.81 -17.08
C TYR A 327 15.14 -6.97 -16.31
N SER A 328 16.42 -7.24 -16.59
CA SER A 328 17.16 -8.31 -15.92
C SER A 328 17.88 -7.86 -14.66
N ARG A 329 17.57 -6.63 -14.25
CA ARG A 329 18.09 -6.00 -13.07
C ARG A 329 17.01 -5.08 -12.55
N ARG A 330 16.71 -5.20 -11.26
CA ARG A 330 15.65 -4.37 -10.64
C ARG A 330 16.20 -3.06 -10.11
N TRP A 331 16.69 -2.26 -11.06
CA TRP A 331 17.41 -1.02 -10.81
C TRP A 331 16.56 -0.04 -10.00
N TRP A 332 15.25 -0.14 -10.13
CA TRP A 332 14.37 0.82 -9.49
C TRP A 332 14.41 0.64 -7.99
N GLU A 333 14.54 -0.61 -7.55
CA GLU A 333 14.69 -0.99 -6.17
C GLU A 333 16.10 -0.79 -5.65
N THR A 334 17.10 -1.20 -6.46
CA THR A 334 18.49 -1.22 -5.98
C THR A 334 19.11 0.18 -5.95
N GLU A 335 18.76 1.01 -6.92
CA GLU A 335 19.33 2.34 -7.02
C GLU A 335 18.35 3.40 -6.53
N ASP A 336 17.11 3.33 -6.96
CA ASP A 336 16.17 4.39 -6.63
C ASP A 336 15.37 4.16 -5.38
N ARG A 337 15.51 3.00 -4.77
CA ARG A 337 14.72 2.61 -3.60
C ARG A 337 13.21 2.75 -3.85
N ILE A 338 12.80 2.44 -5.08
CA ILE A 338 11.38 2.35 -5.45
C ILE A 338 10.97 0.91 -5.45
N TYR A 339 9.93 0.61 -4.68
CA TYR A 339 9.30 -0.70 -4.62
C TYR A 339 7.81 -0.51 -4.91
N GLY A 340 7.41 -0.80 -6.14
CA GLY A 340 6.06 -0.51 -6.58
C GLY A 340 5.76 0.97 -6.72
N GLY A 341 4.51 1.29 -7.05
CA GLY A 341 4.09 2.67 -7.32
C GLY A 341 4.38 3.08 -8.75
N ALA A 342 4.05 4.32 -9.09
CA ALA A 342 4.15 4.78 -10.47
C ALA A 342 4.75 6.19 -10.51
N SER A 343 5.67 6.40 -11.43
CA SER A 343 6.11 7.75 -11.77
C SER A 343 5.06 8.36 -12.72
N ASN A 344 4.90 9.67 -12.67
CA ASN A 344 3.88 10.39 -13.41
C ASN A 344 4.51 11.56 -14.20
N THR A 345 4.02 11.77 -15.40
CA THR A 345 4.58 12.77 -16.28
C THR A 345 3.52 13.29 -17.26
N ASP A 346 3.81 14.43 -17.87
CA ASP A 346 3.08 14.97 -18.99
C ASP A 346 3.51 14.45 -20.36
N LYS A 347 4.62 13.71 -20.40
CA LYS A 347 5.04 13.06 -21.62
C LYS A 347 3.96 12.09 -22.08
N ASP A 348 4.03 11.69 -23.34
CA ASP A 348 3.08 10.74 -23.92
C ASP A 348 2.98 9.41 -23.13
N ILE A 349 4.10 8.96 -22.60
CA ILE A 349 4.10 7.73 -21.82
C ILE A 349 3.11 7.82 -20.64
N SER A 350 2.96 9.01 -20.08
CA SER A 350 2.00 9.34 -19.01
C SER A 350 2.46 8.91 -17.61
N GLN A 351 2.96 7.71 -17.54
CA GLN A 351 3.34 7.11 -16.28
C GLN A 351 4.13 5.83 -16.53
N ILE A 352 5.00 5.54 -15.56
CA ILE A 352 5.83 4.36 -15.49
C ILE A 352 5.51 3.61 -14.20
N MET A 353 5.03 2.39 -14.34
CA MET A 353 4.50 1.69 -13.20
C MET A 353 5.41 0.50 -12.83
N PHE A 354 5.85 0.51 -11.57
CA PHE A 354 6.79 -0.49 -11.09
C PHE A 354 6.07 -1.66 -10.43
N PRO A 355 6.64 -2.86 -10.54
CA PRO A 355 5.93 -4.08 -10.14
C PRO A 355 5.64 -4.20 -8.64
N TYR A 356 4.58 -4.92 -8.31
CA TYR A 356 4.13 -5.15 -6.94
C TYR A 356 4.43 -6.60 -6.44
N ASP A 357 5.20 -7.33 -7.23
CA ASP A 357 5.63 -8.66 -6.87
C ASP A 357 7.12 -8.81 -7.03
N HIS A 358 7.61 -9.96 -6.56
CA HIS A 358 9.01 -10.33 -6.68
C HIS A 358 9.92 -9.25 -6.15
N TYR A 359 9.52 -8.61 -5.06
CA TYR A 359 10.36 -7.60 -4.44
C TYR A 359 11.71 -8.19 -4.07
N ASN A 360 12.77 -7.40 -4.27
CA ASN A 360 14.15 -7.85 -4.02
C ASN A 360 14.69 -9.01 -4.87
N SER A 361 13.98 -9.38 -5.92
CA SER A 361 14.41 -10.49 -6.78
C SER A 361 15.44 -10.01 -7.81
N ASP A 362 15.66 -10.83 -8.85
CA ASP A 362 16.73 -10.56 -9.82
C ASP A 362 16.28 -9.82 -11.11
N ARG A 363 14.98 -9.80 -11.33
CA ARG A 363 14.40 -9.31 -12.57
C ARG A 363 12.96 -8.89 -12.33
N GLY A 364 12.38 -8.21 -13.33
CA GLY A 364 11.06 -7.68 -13.21
C GLY A 364 10.56 -7.00 -14.45
N VAL A 365 9.24 -6.93 -14.56
CA VAL A 365 8.54 -6.19 -15.61
C VAL A 365 8.14 -4.81 -15.11
N VAL A 366 8.49 -3.79 -15.88
CA VAL A 366 8.04 -2.45 -15.59
C VAL A 366 7.00 -2.11 -16.68
N VAL A 367 5.91 -1.46 -16.27
CA VAL A 367 4.97 -0.92 -17.26
C VAL A 367 5.47 0.45 -17.74
N ALA A 368 6.20 0.44 -18.86
CA ALA A 368 6.89 1.60 -19.38
C ALA A 368 5.96 2.71 -19.84
N TYR A 369 4.73 2.35 -20.21
CA TYR A 369 3.68 3.36 -20.37
C TYR A 369 2.32 2.78 -20.15
N TYR A 370 1.47 3.62 -19.58
CA TYR A 370 0.05 3.39 -19.56
C TYR A 370 -0.61 4.72 -19.86
N SER A 371 -1.03 4.90 -21.11
CA SER A 371 -1.61 6.15 -21.54
C SER A 371 -2.98 5.91 -22.15
N SER A 372 -3.71 7.02 -22.32
CA SER A 372 -5.05 6.99 -22.80
C SER A 372 -5.34 8.28 -23.56
N GLY A 373 -6.47 8.30 -24.26
CA GLY A 373 -6.80 9.47 -25.07
C GLY A 373 -5.71 9.82 -26.06
N LYS A 374 -5.50 11.13 -26.19
CA LYS A 374 -4.55 11.69 -27.13
C LYS A 374 -3.17 11.07 -26.96
N ARG A 375 -2.76 10.89 -25.71
CA ARG A 375 -1.44 10.30 -25.42
C ARG A 375 -1.30 8.79 -25.71
N GLN A 376 -2.40 8.10 -25.97
CA GLN A 376 -2.33 6.76 -26.51
C GLN A 376 -2.37 6.77 -28.04
N GLU A 377 -3.07 7.74 -28.62
CA GLU A 377 -3.05 7.92 -30.07
C GLU A 377 -1.65 8.09 -30.61
N ALA A 378 -0.79 8.67 -29.79
CA ALA A 378 0.66 8.79 -30.05
C ALA A 378 1.39 7.45 -30.17
N PHE A 379 0.79 6.37 -29.71
CA PHE A 379 1.39 5.04 -29.81
C PHE A 379 0.64 4.06 -30.71
N GLU A 380 -0.67 4.24 -30.85
CA GLU A 380 -1.56 3.32 -31.58
C GLU A 380 -1.03 2.87 -32.95
N SER A 381 -0.67 3.84 -33.76
CA SER A 381 -0.17 3.58 -35.12
C SER A 381 1.27 3.11 -35.18
N LEU A 382 2.02 3.32 -34.12
CA LEU A 382 3.40 2.85 -34.11
C LEU A 382 3.47 1.32 -34.02
N THR A 383 4.45 0.76 -34.72
CA THR A 383 4.81 -0.63 -34.57
C THR A 383 5.25 -0.85 -33.13
N HIS A 384 5.35 -2.11 -32.75
CA HIS A 384 5.78 -2.41 -31.38
C HIS A 384 7.19 -1.88 -31.13
N ARG A 385 8.09 -2.12 -32.08
CA ARG A 385 9.47 -1.66 -31.95
C ARG A 385 9.54 -0.15 -31.78
N GLN A 386 8.76 0.57 -32.56
CA GLN A 386 8.66 2.04 -32.47
C GLN A 386 8.12 2.46 -31.11
N ARG A 387 7.06 1.78 -30.66
CA ARG A 387 6.48 2.04 -29.34
C ARG A 387 7.57 1.93 -28.27
N LEU A 388 8.32 0.83 -28.32
CA LEU A 388 9.36 0.57 -27.34
C LEU A 388 10.40 1.69 -27.34
N ALA A 389 10.83 2.06 -28.53
CA ALA A 389 11.84 3.09 -28.66
C ALA A 389 11.39 4.41 -28.03
N LYS A 390 10.13 4.74 -28.26
CA LYS A 390 9.53 5.97 -27.75
C LYS A 390 9.37 5.92 -26.23
N ALA A 391 9.01 4.73 -25.75
CA ALA A 391 8.89 4.46 -24.30
C ALA A 391 10.23 4.55 -23.60
N ILE A 392 11.26 3.95 -24.16
CA ILE A 392 12.58 4.00 -23.53
C ILE A 392 13.15 5.43 -23.55
N ALA A 393 12.89 6.13 -24.65
CA ALA A 393 13.40 7.50 -24.81
C ALA A 393 12.81 8.39 -23.73
N GLU A 394 11.49 8.32 -23.59
CA GLU A 394 10.76 9.20 -22.68
C GLU A 394 10.99 8.78 -21.24
N GLY A 395 11.14 7.48 -21.01
CA GLY A 395 11.41 6.95 -19.70
C GLY A 395 12.80 7.27 -19.20
N SER A 396 13.77 7.27 -20.11
CA SER A 396 15.12 7.68 -19.75
C SER A 396 15.16 9.15 -19.32
N GLU A 397 14.28 10.00 -19.87
CA GLU A 397 14.22 11.42 -19.47
C GLU A 397 13.75 11.60 -18.02
N ILE A 398 13.10 10.57 -17.48
CA ILE A 398 12.57 10.58 -16.11
C ILE A 398 13.49 9.86 -15.12
N HIS A 399 13.94 8.65 -15.48
CA HIS A 399 14.71 7.78 -14.57
C HIS A 399 16.20 7.59 -14.95
N GLY A 400 16.67 8.29 -16.00
CA GLY A 400 18.09 8.31 -16.38
C GLY A 400 18.47 7.21 -17.34
N GLU A 401 19.76 7.16 -17.63
CA GLU A 401 20.31 6.15 -18.53
C GLU A 401 20.01 4.72 -18.15
N LYS A 402 19.96 4.43 -16.83
CA LYS A 402 19.65 3.09 -16.35
C LYS A 402 18.39 2.52 -16.95
N TYR A 403 17.48 3.40 -17.38
CA TYR A 403 16.24 2.98 -17.99
C TYR A 403 16.44 2.29 -19.35
N THR A 404 17.61 2.50 -19.96
CA THR A 404 17.93 1.95 -21.29
C THR A 404 18.73 0.64 -21.21
N ARG A 405 19.06 0.23 -19.99
CA ARG A 405 19.96 -0.90 -19.79
C ARG A 405 19.21 -2.09 -19.26
N ASP A 406 19.83 -3.25 -19.43
CA ASP A 406 19.33 -4.48 -18.85
C ASP A 406 17.93 -4.88 -19.32
N ILE A 407 17.59 -4.58 -20.57
CA ILE A 407 16.30 -4.94 -21.16
C ILE A 407 16.36 -6.34 -21.76
N SER A 408 15.44 -7.22 -21.31
CA SER A 408 15.35 -8.57 -21.81
C SER A 408 14.35 -8.71 -22.96
N SER A 409 13.15 -8.16 -22.76
CA SER A 409 12.07 -8.25 -23.75
C SER A 409 10.96 -7.23 -23.44
N SER A 410 9.91 -7.24 -24.25
CA SER A 410 8.83 -6.29 -24.09
C SER A 410 7.61 -6.77 -24.86
N PHE A 411 6.47 -6.14 -24.56
CA PHE A 411 5.18 -6.54 -25.10
C PHE A 411 4.19 -5.39 -24.86
N SER A 412 3.48 -5.00 -25.91
CA SER A 412 2.49 -3.94 -25.81
C SER A 412 1.10 -4.36 -26.23
N GLY A 413 0.11 -3.61 -25.74
CA GLY A 413 -1.26 -3.66 -26.25
C GLY A 413 -1.83 -2.26 -26.42
N SER A 414 -2.59 -2.07 -27.51
CA SER A 414 -3.36 -0.85 -27.73
C SER A 414 -4.79 -1.27 -27.98
N TRP A 415 -5.66 -0.93 -27.04
CA TRP A 415 -7.00 -1.51 -27.00
C TRP A 415 -7.90 -1.17 -28.18
N ARG A 416 -7.75 0.03 -28.74
CA ARG A 416 -8.47 0.34 -29.97
C ARG A 416 -8.03 -0.50 -31.15
N ARG A 417 -6.82 -1.05 -31.07
CA ARG A 417 -6.22 -1.84 -32.12
C ARG A 417 -6.26 -3.32 -31.81
N THR A 418 -7.09 -3.74 -30.86
CA THR A 418 -7.12 -5.16 -30.54
C THR A 418 -8.48 -5.83 -30.74
N LYS A 419 -8.42 -6.88 -31.55
CA LYS A 419 -9.59 -7.59 -32.05
C LYS A 419 -10.47 -8.07 -30.91
N TYR A 420 -11.76 -7.87 -31.10
CA TYR A 420 -12.79 -8.21 -30.10
C TYR A 420 -12.87 -7.22 -28.95
N SER A 421 -12.10 -6.13 -29.06
CA SER A 421 -12.21 -5.01 -28.14
C SER A 421 -12.47 -3.74 -28.92
N GLU A 422 -11.43 -3.29 -29.63
CA GLU A 422 -11.52 -2.06 -30.44
C GLU A 422 -11.92 -0.82 -29.63
N SER A 423 -11.65 -0.91 -28.33
CA SER A 423 -11.86 0.14 -27.35
C SER A 423 -11.32 -0.30 -26.00
N ALA A 424 -10.87 0.66 -25.20
CA ALA A 424 -10.51 0.41 -23.81
C ALA A 424 -11.78 0.45 -22.93
N TRP A 425 -12.73 1.30 -23.30
CA TRP A 425 -13.96 1.50 -22.51
C TRP A 425 -14.81 2.54 -23.22
N ALA A 426 -16.08 2.62 -22.84
CA ALA A 426 -17.05 3.54 -23.49
C ALA A 426 -17.16 4.88 -22.83
N ASN A 427 -17.33 5.92 -23.65
CA ASN A 427 -17.76 7.23 -23.17
C ASN A 427 -19.07 7.57 -23.86
N TRP A 428 -20.12 7.73 -23.09
CA TRP A 428 -21.44 8.01 -23.64
C TRP A 428 -21.54 9.47 -24.04
N ALA A 429 -21.89 9.70 -25.31
CA ALA A 429 -22.14 11.05 -25.79
C ALA A 429 -23.28 11.73 -25.01
N GLY A 430 -22.98 12.90 -24.44
CA GLY A 430 -23.94 13.65 -23.62
C GLY A 430 -23.83 13.48 -22.10
N SER A 431 -22.80 12.75 -21.66
CA SER A 431 -22.58 12.58 -20.22
C SER A 431 -21.59 13.63 -19.73
N ALA A 439 -27.67 9.64 -16.04
CA ALA A 439 -27.60 8.77 -17.21
C ALA A 439 -28.06 9.45 -18.51
N THR A 440 -27.46 9.08 -19.63
CA THR A 440 -27.96 9.55 -20.92
C THR A 440 -29.19 8.71 -21.34
N PRO A 441 -29.97 9.20 -22.34
CA PRO A 441 -31.14 8.40 -22.73
C PRO A 441 -30.80 7.13 -23.47
N GLU A 442 -29.64 7.13 -24.14
CA GLU A 442 -29.15 5.94 -24.83
C GLU A 442 -28.74 4.82 -23.88
N TYR A 443 -28.08 5.21 -22.80
CA TYR A 443 -27.70 4.28 -21.72
C TYR A 443 -28.97 3.72 -21.05
N GLU A 444 -29.93 4.58 -20.77
CA GLU A 444 -31.18 4.13 -20.16
C GLU A 444 -31.90 3.15 -21.05
N LYS A 445 -31.96 3.48 -22.33
CA LYS A 445 -32.65 2.63 -23.32
C LYS A 445 -32.10 1.23 -23.31
N LEU A 446 -30.78 1.15 -23.20
CA LEU A 446 -30.12 -0.13 -23.31
C LEU A 446 -30.19 -0.98 -22.05
N LEU A 447 -30.77 -0.47 -20.97
CA LEU A 447 -31.03 -1.27 -19.76
C LEU A 447 -32.25 -2.18 -19.96
N GLU A 448 -33.10 -1.77 -20.88
CA GLU A 448 -34.34 -2.50 -21.19
C GLU A 448 -34.04 -3.75 -22.02
N PRO A 449 -34.71 -4.88 -21.71
CA PRO A 449 -34.54 -6.02 -22.60
C PRO A 449 -35.13 -5.72 -23.97
N VAL A 450 -34.61 -6.37 -24.99
CA VAL A 450 -35.20 -6.32 -26.33
C VAL A 450 -35.83 -7.69 -26.59
N ASP A 451 -37.07 -7.82 -26.14
CA ASP A 451 -37.74 -9.12 -25.98
C ASP A 451 -36.93 -10.07 -25.05
N LYS A 452 -36.26 -11.06 -25.60
CA LYS A 452 -35.50 -12.03 -24.81
C LYS A 452 -33.99 -11.74 -24.81
N ILE A 453 -33.60 -10.60 -25.39
CA ILE A 453 -32.19 -10.15 -25.40
C ILE A 453 -31.93 -9.08 -24.34
N TYR A 454 -30.93 -9.34 -23.49
CA TYR A 454 -30.52 -8.41 -22.46
C TYR A 454 -29.09 -7.99 -22.79
N PHE A 455 -28.81 -6.72 -22.65
CA PHE A 455 -27.44 -6.23 -22.79
C PHE A 455 -26.80 -6.17 -21.40
N ALA A 456 -25.50 -6.44 -21.33
CA ALA A 456 -24.76 -6.31 -20.08
C ALA A 456 -23.32 -5.96 -20.39
N GLY A 457 -22.63 -5.39 -19.39
CA GLY A 457 -21.22 -4.99 -19.54
C GLY A 457 -20.92 -3.71 -18.81
N ASP A 458 -19.62 -3.39 -18.66
CA ASP A 458 -19.26 -2.24 -17.86
C ASP A 458 -19.79 -0.92 -18.38
N HIS A 459 -20.09 -0.85 -19.67
CA HIS A 459 -20.62 0.39 -20.25
C HIS A 459 -22.05 0.70 -19.72
N LEU A 460 -22.73 -0.33 -19.25
CA LEU A 460 -24.06 -0.19 -18.71
C LEU A 460 -24.02 -0.18 -17.18
N SER A 461 -23.05 0.58 -16.69
CA SER A 461 -22.85 0.74 -15.28
C SER A 461 -22.37 2.14 -14.97
N ASN A 462 -22.39 2.45 -13.68
CA ASN A 462 -21.80 3.66 -13.16
C ASN A 462 -20.38 3.47 -12.63
N ALA A 463 -19.70 2.46 -13.16
CA ALA A 463 -18.28 2.17 -12.90
C ALA A 463 -17.67 1.65 -14.21
N ILE A 464 -17.87 2.44 -15.26
CA ILE A 464 -17.28 2.12 -16.56
C ILE A 464 -15.75 2.06 -16.43
N ALA A 465 -15.15 1.06 -17.06
CA ALA A 465 -13.69 0.84 -17.00
C ALA A 465 -13.27 0.29 -15.65
N TRP A 466 -14.23 -0.37 -15.00
CA TRP A 466 -13.99 -1.10 -13.75
C TRP A 466 -14.67 -2.43 -13.83
N GLN A 467 -14.00 -3.48 -13.34
CA GLN A 467 -14.60 -4.81 -13.32
C GLN A 467 -15.87 -4.84 -12.53
N HIS A 468 -15.94 -4.02 -11.49
CA HIS A 468 -17.15 -3.90 -10.65
C HIS A 468 -18.37 -3.54 -11.52
N GLY A 469 -18.16 -2.63 -12.46
CA GLY A 469 -19.13 -2.25 -13.48
C GLY A 469 -19.72 -3.40 -14.27
N ALA A 470 -18.84 -4.23 -14.82
CA ALA A 470 -19.22 -5.38 -15.63
C ALA A 470 -19.92 -6.44 -14.77
N LEU A 471 -19.47 -6.56 -13.54
CA LEU A 471 -19.98 -7.60 -12.63
C LEU A 471 -21.33 -7.22 -12.03
N THR A 472 -21.50 -5.98 -11.65
CA THR A 472 -22.79 -5.53 -11.15
C THR A 472 -23.83 -5.49 -12.28
N SER A 473 -23.37 -5.20 -13.51
CA SER A 473 -24.25 -5.29 -14.69
C SER A 473 -24.75 -6.74 -14.89
N ALA A 474 -23.82 -7.69 -14.82
CA ALA A 474 -24.16 -9.09 -14.96
C ALA A 474 -25.20 -9.52 -13.92
N ARG A 475 -24.91 -9.18 -12.67
CA ARG A 475 -25.75 -9.51 -11.52
C ARG A 475 -27.17 -8.93 -11.60
N ASP A 476 -27.26 -7.71 -12.11
CA ASP A 476 -28.55 -7.06 -12.29
C ASP A 476 -29.37 -7.71 -13.39
N VAL A 477 -28.69 -8.06 -14.47
CA VAL A 477 -29.33 -8.69 -15.60
C VAL A 477 -29.81 -10.10 -15.28
N VAL A 478 -28.98 -10.87 -14.59
CA VAL A 478 -29.34 -12.22 -14.15
C VAL A 478 -30.51 -12.19 -13.19
N THR A 479 -30.57 -11.15 -12.38
CA THR A 479 -31.69 -10.97 -11.47
C THR A 479 -33.00 -10.68 -12.24
N HIS A 480 -32.88 -9.90 -13.28
CA HIS A 480 -34.02 -9.56 -14.11
C HIS A 480 -34.60 -10.79 -14.81
N ILE A 481 -33.72 -11.53 -15.49
CA ILE A 481 -34.10 -12.75 -16.14
C ILE A 481 -34.77 -13.71 -15.15
N HIS A 482 -34.17 -13.91 -13.98
CA HIS A 482 -34.73 -14.80 -12.98
C HIS A 482 -36.13 -14.36 -12.56
N GLU A 483 -36.30 -13.07 -12.28
CA GLU A 483 -37.59 -12.53 -11.81
C GLU A 483 -38.65 -12.67 -12.90
N ARG A 484 -38.19 -12.63 -14.14
CA ARG A 484 -39.07 -12.86 -15.27
C ARG A 484 -39.50 -14.31 -15.36
N VAL A 485 -38.52 -15.21 -15.30
CA VAL A 485 -38.77 -16.65 -15.31
C VAL A 485 -39.69 -17.07 -14.17
N ALA A 486 -39.44 -16.52 -12.97
CA ALA A 486 -40.31 -16.78 -11.81
C ALA A 486 -41.73 -16.33 -12.11
N GLN A 487 -41.80 -15.26 -12.90
CA GLN A 487 -43.03 -14.59 -13.36
C GLN A 487 -43.24 -13.30 -12.56
N GLU A 488 -43.39 -13.32 -11.34
N ASP B 3 30.63 -5.58 0.11
CA ASP B 3 30.87 -6.20 1.45
C ASP B 3 31.44 -5.21 2.46
N LEU B 4 31.10 -5.42 3.73
CA LEU B 4 31.35 -4.41 4.77
C LEU B 4 32.85 -4.20 5.02
N ILE B 5 33.56 -5.30 5.22
CA ILE B 5 34.97 -5.25 5.56
C ILE B 5 35.70 -6.38 4.83
N GLY B 6 36.98 -6.18 4.52
CA GLY B 6 37.79 -7.26 3.97
C GLY B 6 38.03 -8.41 4.95
N LYS B 7 38.72 -9.45 4.47
CA LYS B 7 39.03 -10.62 5.30
C LYS B 7 40.03 -10.29 6.40
N VAL B 8 39.70 -10.59 7.64
CA VAL B 8 40.69 -10.41 8.71
C VAL B 8 41.85 -11.39 8.56
N LYS B 9 43.05 -10.96 8.94
CA LYS B 9 44.23 -11.82 8.94
C LYS B 9 44.43 -12.36 10.33
N GLY B 10 44.80 -13.63 10.43
CA GLY B 10 45.11 -14.24 11.72
C GLY B 10 43.88 -14.72 12.42
N SER B 11 44.00 -14.79 13.74
CA SER B 11 42.99 -15.39 14.60
C SER B 11 42.49 -14.35 15.57
N HIS B 12 41.21 -14.02 15.46
CA HIS B 12 40.63 -12.92 16.22
C HIS B 12 39.23 -13.30 16.61
N SER B 13 38.87 -13.01 17.85
CA SER B 13 37.62 -13.43 18.43
C SER B 13 36.82 -12.24 18.95
N VAL B 14 35.51 -12.42 18.97
CA VAL B 14 34.56 -11.41 19.48
C VAL B 14 33.40 -12.11 20.15
N VAL B 15 33.04 -11.66 21.35
CA VAL B 15 31.83 -12.13 22.04
C VAL B 15 30.76 -11.06 21.98
N VAL B 16 29.62 -11.42 21.39
CA VAL B 16 28.49 -10.52 21.20
C VAL B 16 27.41 -10.80 22.27
N LEU B 17 27.05 -9.76 23.01
CA LEU B 17 26.09 -9.88 24.09
C LEU B 17 24.71 -9.38 23.63
N GLY B 18 23.81 -10.33 23.46
CA GLY B 18 22.48 -10.09 22.93
C GLY B 18 22.37 -10.53 21.49
N GLY B 19 21.38 -11.34 21.19
CA GLY B 19 21.12 -11.81 19.84
C GLY B 19 19.86 -11.21 19.25
N GLY B 20 19.71 -9.92 19.47
CA GLY B 20 18.76 -9.11 18.71
C GLY B 20 19.38 -8.63 17.40
N PRO B 21 18.73 -7.66 16.75
CA PRO B 21 19.21 -7.19 15.44
C PRO B 21 20.66 -6.72 15.40
N ALA B 22 21.06 -5.93 16.38
CA ALA B 22 22.43 -5.38 16.40
C ALA B 22 23.46 -6.47 16.62
N GLY B 23 23.16 -7.39 17.52
CA GLY B 23 24.09 -8.48 17.79
C GLY B 23 24.23 -9.49 16.67
N LEU B 24 23.09 -9.94 16.15
CA LEU B 24 23.07 -10.88 15.05
C LEU B 24 23.69 -10.31 13.77
N CYS B 25 23.44 -9.02 13.50
CA CYS B 25 24.11 -8.34 12.39
C CYS B 25 25.62 -8.24 12.58
N SER B 26 26.03 -7.90 13.79
CA SER B 26 27.45 -7.87 14.16
C SER B 26 28.13 -9.21 13.95
N ALA B 27 27.51 -10.27 14.47
CA ALA B 27 28.08 -11.61 14.33
C ALA B 27 28.12 -12.05 12.87
N PHE B 28 27.06 -11.76 12.13
CA PHE B 28 26.99 -12.10 10.71
C PHE B 28 28.12 -11.50 9.87
N GLU B 29 28.32 -10.21 10.09
CA GLU B 29 29.34 -9.49 9.35
C GLU B 29 30.76 -9.88 9.82
N LEU B 30 30.97 -9.98 11.12
CA LEU B 30 32.27 -10.49 11.64
C LEU B 30 32.63 -11.92 11.14
N GLN B 31 31.66 -12.82 11.12
CA GLN B 31 31.89 -14.20 10.67
C GLN B 31 32.29 -14.23 9.21
N LYS B 32 31.63 -13.37 8.43
CA LYS B 32 31.83 -13.28 7.00
C LYS B 32 33.27 -12.86 6.67
N ALA B 33 33.83 -11.98 7.51
CA ALA B 33 35.24 -11.53 7.41
C ALA B 33 36.30 -12.50 8.01
N GLY B 34 35.80 -13.53 8.70
CA GLY B 34 36.62 -14.61 9.21
C GLY B 34 37.01 -14.55 10.67
N TYR B 35 36.31 -13.70 11.43
CA TYR B 35 36.45 -13.68 12.88
C TYR B 35 35.79 -14.90 13.51
N LYS B 36 36.35 -15.29 14.65
CA LYS B 36 35.68 -16.20 15.55
C LYS B 36 34.65 -15.39 16.34
N VAL B 37 33.40 -15.82 16.30
CA VAL B 37 32.31 -15.09 16.97
C VAL B 37 31.38 -16.01 17.78
N THR B 38 31.02 -15.56 18.96
CA THR B 38 30.02 -16.24 19.81
C THR B 38 28.99 -15.22 20.31
N VAL B 39 27.72 -15.52 20.07
CA VAL B 39 26.60 -14.68 20.52
C VAL B 39 25.98 -15.33 21.74
N LEU B 40 25.66 -14.51 22.75
CA LEU B 40 24.99 -14.95 23.98
C LEU B 40 23.65 -14.23 24.15
N GLU B 41 22.57 -14.97 23.95
CA GLU B 41 21.23 -14.40 23.98
C GLU B 41 20.44 -14.96 25.15
N ALA B 42 19.89 -14.07 25.97
CA ALA B 42 19.18 -14.49 27.17
C ALA B 42 17.87 -15.21 26.88
N ARG B 43 17.20 -14.85 25.78
CA ARG B 43 15.95 -15.49 25.40
C ARG B 43 16.16 -16.81 24.70
N THR B 44 15.09 -17.56 24.56
CA THR B 44 15.11 -18.78 23.81
C THR B 44 14.67 -18.48 22.37
CA ARG B 45 14.50 -16.89 20.45
C ARG B 45 15.48 -15.78 20.07
N PRO B 46 15.82 -15.67 18.76
CA PRO B 46 16.61 -14.55 18.26
C PRO B 46 15.68 -13.41 17.92
N GLY B 47 16.18 -12.19 17.99
CA GLY B 47 15.44 -11.04 17.48
C GLY B 47 15.13 -9.90 18.44
N GLY B 48 15.02 -10.21 19.74
CA GLY B 48 14.93 -9.21 20.77
C GLY B 48 13.60 -8.50 20.78
N ARG B 49 13.61 -7.21 20.51
CA ARG B 49 12.40 -6.41 20.33
C ARG B 49 11.72 -6.62 18.99
N VAL B 50 12.34 -7.41 18.13
CA VAL B 50 11.63 -8.00 17.02
C VAL B 50 11.07 -9.36 17.51
N TRP B 51 9.80 -9.35 17.82
CA TRP B 51 9.09 -10.50 18.40
C TRP B 51 7.76 -10.67 17.72
N THR B 52 7.54 -11.85 17.16
CA THR B 52 6.29 -12.18 16.47
C THR B 52 5.54 -13.28 17.21
N ALA B 53 4.33 -12.96 17.68
CA ALA B 53 3.47 -13.87 18.44
C ALA B 53 2.70 -14.81 17.51
N ARG B 54 2.88 -16.11 17.76
CA ARG B 54 2.23 -17.19 17.04
C ARG B 54 1.68 -18.21 18.03
N GLY B 55 0.79 -19.06 17.51
CA GLY B 55 0.29 -20.18 18.28
C GLY B 55 1.46 -20.90 18.95
N GLY B 56 1.37 -21.10 20.25
CA GLY B 56 2.48 -21.72 20.97
C GLY B 56 3.47 -20.79 21.63
N SER B 57 3.40 -19.50 21.33
CA SER B 57 4.26 -18.52 21.97
C SER B 57 3.82 -18.38 23.44
N GLU B 58 4.79 -18.43 24.35
CA GLU B 58 4.51 -18.27 25.77
C GLU B 58 5.47 -17.25 26.35
N GLU B 59 4.97 -16.36 27.19
CA GLU B 59 5.79 -15.32 27.76
C GLU B 59 5.30 -15.06 29.17
N THR B 60 6.23 -15.02 30.11
CA THR B 60 5.96 -14.58 31.47
C THR B 60 6.57 -13.23 31.67
N ASP B 61 5.75 -12.22 31.98
CA ASP B 61 6.28 -10.86 32.08
C ASP B 61 6.86 -10.57 33.47
N LEU B 62 7.26 -9.32 33.70
CA LEU B 62 7.93 -8.95 34.96
C LEU B 62 6.99 -8.87 36.18
N SER B 63 5.67 -8.94 35.94
CA SER B 63 4.74 -9.07 37.05
C SER B 63 4.43 -10.54 37.36
N GLY B 64 4.99 -11.48 36.60
CA GLY B 64 4.80 -12.91 36.83
C GLY B 64 3.60 -13.53 36.13
N GLU B 65 2.89 -12.74 35.34
CA GLU B 65 1.78 -13.25 34.53
C GLU B 65 2.29 -13.93 33.26
N THR B 66 1.87 -15.16 33.08
CA THR B 66 2.20 -15.95 31.91
C THR B 66 1.07 -15.99 30.89
N GLN B 67 1.38 -15.57 29.68
CA GLN B 67 0.44 -15.68 28.58
C GLN B 67 0.87 -16.81 27.69
N LYS B 68 -0.11 -17.50 27.10
CA LYS B 68 0.13 -18.56 26.12
C LYS B 68 -0.69 -18.27 24.84
N CYS B 69 0.00 -17.87 23.76
CA CYS B 69 -0.68 -17.55 22.50
C CYS B 69 -1.29 -18.79 21.85
N THR B 70 -2.56 -18.68 21.42
CA THR B 70 -3.24 -19.76 20.74
C THR B 70 -3.81 -19.34 19.39
N PHE B 71 -3.09 -18.48 18.68
CA PHE B 71 -3.53 -18.11 17.33
C PHE B 71 -3.46 -19.31 16.42
N SER B 72 -4.46 -19.42 15.54
CA SER B 72 -4.46 -20.44 14.51
C SER B 72 -3.15 -20.50 13.74
N GLU B 73 -2.91 -21.65 13.14
CA GLU B 73 -1.70 -21.95 12.34
C GLU B 73 -1.59 -20.94 11.21
N GLY B 74 -0.44 -20.27 11.16
CA GLY B 74 -0.16 -19.29 10.09
C GLY B 74 -0.56 -17.86 10.40
N HIS B 75 -1.26 -17.67 11.53
CA HIS B 75 -1.71 -16.38 11.98
C HIS B 75 -0.82 -15.86 13.12
N PHE B 76 -0.55 -14.56 13.08
CA PHE B 76 0.40 -13.90 13.94
C PHE B 76 0.24 -12.39 13.94
N TYR B 77 0.95 -11.75 14.86
CA TYR B 77 1.21 -10.33 14.79
C TYR B 77 2.56 -10.00 15.41
N ASN B 78 3.16 -8.95 14.85
CA ASN B 78 4.42 -8.40 15.33
C ASN B 78 4.18 -7.59 16.61
N VAL B 79 4.67 -8.11 17.72
CA VAL B 79 4.54 -7.44 19.02
C VAL B 79 5.53 -6.26 19.07
N GLY B 80 6.62 -6.33 18.32
CA GLY B 80 7.57 -5.23 18.19
C GLY B 80 7.58 -4.66 16.79
N ALA B 81 8.75 -4.67 16.15
CA ALA B 81 8.95 -4.18 14.77
C ALA B 81 7.95 -4.81 13.83
N THR B 82 7.35 -3.96 12.99
CA THR B 82 6.34 -4.43 12.06
C THR B 82 6.40 -3.84 10.65
N ARG B 83 6.96 -2.64 10.49
CA ARG B 83 6.97 -1.97 9.20
C ARG B 83 8.30 -1.30 8.85
N ILE B 84 8.65 -1.38 7.57
CA ILE B 84 9.94 -0.91 7.05
C ILE B 84 9.77 0.04 5.86
N PRO B 85 10.42 1.22 5.91
CA PRO B 85 10.40 2.13 4.78
C PRO B 85 11.48 1.79 3.79
N GLN B 86 11.32 2.30 2.58
CA GLN B 86 12.13 1.88 1.46
C GLN B 86 13.62 2.20 1.56
N SER B 87 13.98 3.16 2.38
CA SER B 87 15.35 3.64 2.56
C SER B 87 16.21 2.83 3.54
N HIS B 88 15.57 2.06 4.40
CA HIS B 88 16.24 1.32 5.46
C HIS B 88 17.01 0.10 4.97
N ILE B 89 18.15 -0.12 5.61
CA ILE B 89 19.08 -1.19 5.27
C ILE B 89 18.52 -2.57 5.66
N THR B 90 17.44 -2.54 6.42
CA THR B 90 16.65 -3.70 6.74
C THR B 90 16.18 -4.40 5.48
N LEU B 91 15.83 -3.63 4.44
CA LEU B 91 15.42 -4.23 3.17
C LEU B 91 16.58 -4.90 2.41
N ASP B 92 17.75 -4.28 2.48
CA ASP B 92 18.96 -4.86 1.92
C ASP B 92 19.30 -6.19 2.58
N TYR B 93 19.20 -6.24 3.90
CA TYR B 93 19.40 -7.50 4.61
C TYR B 93 18.32 -8.55 4.31
N CYS B 94 17.08 -8.14 4.03
CA CYS B 94 16.05 -9.10 3.63
C CYS B 94 16.42 -9.75 2.29
N ARG B 95 17.02 -8.97 1.42
CA ARG B 95 17.49 -9.51 0.15
C ARG B 95 18.67 -10.47 0.34
N GLU B 96 19.62 -10.05 1.16
CA GLU B 96 20.83 -10.83 1.44
C GLU B 96 20.47 -12.18 2.05
N LEU B 97 19.49 -12.15 2.93
CA LEU B 97 19.02 -13.31 3.66
C LEU B 97 17.95 -14.15 2.97
N GLY B 98 17.35 -13.67 1.89
CA GLY B 98 16.35 -14.43 1.20
C GLY B 98 15.03 -14.42 1.92
N VAL B 99 14.72 -13.30 2.58
CA VAL B 99 13.52 -13.18 3.42
C VAL B 99 12.50 -12.38 2.65
N GLU B 100 11.47 -13.06 2.13
CA GLU B 100 10.44 -12.47 1.30
C GLU B 100 9.71 -11.35 2.04
N ILE B 101 9.53 -10.23 1.35
CA ILE B 101 8.79 -9.09 1.86
C ILE B 101 7.52 -8.87 1.04
N GLN B 102 6.58 -8.16 1.65
CA GLN B 102 5.33 -7.79 1.05
C GLN B 102 5.01 -6.36 1.45
N GLY B 103 4.01 -5.78 0.82
CA GLY B 103 3.59 -4.47 1.22
C GLY B 103 2.93 -4.44 2.58
N PHE B 104 3.18 -3.39 3.33
CA PHE B 104 2.53 -3.14 4.60
C PHE B 104 1.55 -2.01 4.35
N GLY B 105 0.35 -2.18 4.87
CA GLY B 105 -0.70 -1.18 4.69
C GLY B 105 -0.62 -0.08 5.73
N ASN B 106 0.18 0.95 5.44
CA ASN B 106 0.37 2.07 6.36
C ASN B 106 -0.48 3.33 6.09
N GLN B 107 -1.48 3.22 5.23
CA GLN B 107 -2.39 4.30 4.87
C GLN B 107 -3.62 3.65 4.24
N ASN B 108 -4.79 4.03 4.70
CA ASN B 108 -6.01 3.47 4.17
C ASN B 108 -7.11 4.50 4.26
N ALA B 109 -7.80 4.64 3.14
CA ALA B 109 -8.89 5.57 2.96
C ALA B 109 -10.09 5.11 3.75
N ASN B 110 -10.16 3.81 4.05
CA ASN B 110 -11.40 3.22 4.64
C ASN B 110 -11.39 3.00 6.16
N THR B 111 -10.23 3.09 6.77
CA THR B 111 -10.12 3.05 8.20
C THR B 111 -10.63 4.38 8.78
N PHE B 112 -10.89 4.36 10.08
CA PHE B 112 -11.60 5.41 10.76
C PHE B 112 -10.65 6.26 11.57
N VAL B 113 -11.02 7.54 11.70
CA VAL B 113 -10.52 8.44 12.75
C VAL B 113 -11.67 8.69 13.72
N ASN B 114 -11.33 8.85 14.99
CA ASN B 114 -12.33 8.96 16.06
C ASN B 114 -11.73 9.69 17.26
N TYR B 115 -12.12 10.95 17.40
CA TYR B 115 -11.58 11.86 18.41
C TYR B 115 -12.67 12.56 19.23
N GLN B 116 -12.33 12.91 20.47
CA GLN B 116 -13.22 13.73 21.31
C GLN B 116 -13.05 15.20 20.94
N SER B 117 -14.16 15.93 20.88
CA SER B 117 -14.12 17.37 20.65
C SER B 117 -15.38 18.03 21.22
N ASP B 118 -15.38 19.35 21.27
CA ASP B 118 -16.57 20.11 21.66
C ASP B 118 -17.46 20.34 20.41
N THR B 119 -17.62 19.27 19.63
CA THR B 119 -18.50 19.26 18.47
C THR B 119 -19.40 18.01 18.51
N SER B 120 -20.30 17.92 17.55
CA SER B 120 -21.13 16.74 17.40
C SER B 120 -20.34 15.54 16.82
N LEU B 121 -19.11 15.80 16.37
CA LEU B 121 -18.24 14.75 15.83
C LEU B 121 -17.50 14.01 16.94
N SER B 122 -17.74 14.44 18.18
CA SER B 122 -17.09 13.86 19.34
C SER B 122 -17.40 12.38 19.50
N GLY B 123 -16.36 11.54 19.45
CA GLY B 123 -16.50 10.10 19.61
C GLY B 123 -17.14 9.40 18.43
N GLN B 124 -17.19 10.09 17.29
CA GLN B 124 -17.84 9.59 16.09
C GLN B 124 -16.75 9.12 15.12
N SER B 125 -16.97 7.97 14.51
CA SER B 125 -16.06 7.41 13.51
C SER B 125 -16.31 7.96 12.10
N VAL B 126 -15.26 8.50 11.50
CA VAL B 126 -15.29 9.05 10.15
C VAL B 126 -14.14 8.40 9.37
N THR B 127 -14.39 7.99 8.14
CA THR B 127 -13.35 7.35 7.35
C THR B 127 -12.27 8.39 7.05
N TYR B 128 -11.04 7.93 6.87
CA TYR B 128 -9.98 8.86 6.41
C TYR B 128 -10.34 9.62 5.12
N ARG B 129 -11.05 8.97 4.18
CA ARG B 129 -11.30 9.61 2.88
C ARG B 129 -12.34 10.72 2.96
N ALA B 130 -13.25 10.56 3.92
CA ALA B 130 -14.27 11.56 4.20
C ALA B 130 -13.61 12.72 4.91
N ALA B 131 -12.81 12.42 5.93
CA ALA B 131 -12.11 13.42 6.71
C ALA B 131 -11.14 14.24 5.85
N LYS B 132 -10.41 13.57 4.98
CA LYS B 132 -9.44 14.23 4.11
C LYS B 132 -10.16 15.15 3.11
N ALA B 133 -11.18 14.59 2.45
CA ALA B 133 -11.94 15.33 1.46
C ALA B 133 -12.48 16.63 2.02
N ASP B 134 -13.02 16.57 3.23
CA ASP B 134 -13.56 17.74 3.92
C ASP B 134 -12.45 18.71 4.35
N THR B 135 -11.41 18.18 4.99
CA THR B 135 -10.30 19.02 5.43
C THR B 135 -9.61 19.72 4.26
N PHE B 136 -9.29 18.97 3.22
CA PHE B 136 -8.58 19.56 2.06
C PHE B 136 -9.52 20.39 1.18
N GLY B 137 -10.78 20.01 1.16
CA GLY B 137 -11.78 20.78 0.44
C GLY B 137 -11.95 22.17 1.05
N TYR B 138 -12.07 22.25 2.38
CA TYR B 138 -12.20 23.55 3.01
C TYR B 138 -10.91 24.36 3.05
N MET B 139 -9.79 23.67 3.23
CA MET B 139 -8.46 24.31 3.23
C MET B 139 -8.20 24.98 1.87
N SER B 140 -8.55 24.28 0.79
CA SER B 140 -8.39 24.78 -0.58
C SER B 140 -9.34 25.94 -0.91
N GLU B 141 -10.57 25.84 -0.40
CA GLU B 141 -11.55 26.91 -0.56
C GLU B 141 -11.07 28.20 0.08
N LEU B 142 -10.56 28.07 1.31
CA LEU B 142 -10.10 29.21 2.12
C LEU B 142 -8.86 29.87 1.54
N LEU B 143 -7.95 29.06 1.04
CA LEU B 143 -6.76 29.61 0.38
C LEU B 143 -7.10 30.24 -0.95
N LYS B 144 -8.03 29.62 -1.68
CA LYS B 144 -8.49 30.20 -2.93
C LYS B 144 -9.22 31.52 -2.72
N LYS B 145 -9.99 31.61 -1.63
CA LYS B 145 -10.74 32.84 -1.31
C LYS B 145 -9.79 33.99 -1.01
N ALA B 146 -8.81 33.71 -0.17
CA ALA B 146 -7.79 34.68 0.22
C ALA B 146 -7.02 35.14 -0.99
N THR B 147 -6.67 34.20 -1.86
CA THR B 147 -5.95 34.47 -3.10
C THR B 147 -6.77 35.38 -4.04
N ASP B 148 -8.04 35.04 -4.22
CA ASP B 148 -8.95 35.84 -5.05
C ASP B 148 -9.21 37.25 -4.51
N GLN B 149 -9.25 37.38 -3.19
CA GLN B 149 -9.48 38.66 -2.53
C GLN B 149 -8.25 39.59 -2.55
N GLY B 150 -7.11 39.08 -3.01
CA GLY B 150 -5.89 39.86 -3.10
C GLY B 150 -5.02 39.90 -1.87
N ALA B 151 -5.34 39.04 -0.89
CA ALA B 151 -4.59 38.95 0.36
C ALA B 151 -3.11 38.62 0.15
N LEU B 152 -2.83 37.82 -0.88
CA LEU B 152 -1.46 37.36 -1.17
C LEU B 152 -0.81 38.04 -2.38
N ASP B 153 -1.30 39.23 -2.75
CA ASP B 153 -0.75 39.97 -3.87
C ASP B 153 0.69 40.48 -3.67
N GLN B 154 1.17 40.50 -2.43
CA GLN B 154 2.54 40.99 -2.20
C GLN B 154 3.58 39.90 -2.37
N VAL B 155 3.14 38.64 -2.37
CA VAL B 155 4.06 37.50 -2.48
C VAL B 155 3.79 36.62 -3.71
N LEU B 156 2.65 36.80 -4.35
CA LEU B 156 2.32 36.05 -5.56
C LEU B 156 1.96 36.97 -6.71
N SER B 157 2.49 36.67 -7.88
CA SER B 157 2.08 37.36 -9.10
C SER B 157 0.72 36.88 -9.57
N ARG B 158 0.20 37.52 -10.60
CA ARG B 158 -1.05 37.08 -11.23
C ARG B 158 -0.89 35.64 -11.78
N GLU B 159 0.24 35.38 -12.41
CA GLU B 159 0.52 34.05 -12.94
C GLU B 159 0.58 33.02 -11.82
N ASP B 160 1.25 33.39 -10.73
CA ASP B 160 1.37 32.52 -9.55
C ASP B 160 -0.02 32.21 -9.01
N LYS B 161 -0.84 33.26 -8.88
CA LYS B 161 -2.21 33.16 -8.37
C LYS B 161 -3.07 32.22 -9.20
N ASP B 162 -2.88 32.30 -10.50
CA ASP B 162 -3.63 31.48 -11.46
C ASP B 162 -3.22 30.01 -11.43
N ALA B 163 -1.94 29.80 -11.20
CA ALA B 163 -1.38 28.47 -11.08
C ALA B 163 -1.84 27.85 -9.77
N LEU B 164 -1.76 28.64 -8.70
CA LEU B 164 -2.20 28.18 -7.38
C LEU B 164 -3.69 27.87 -7.36
N SER B 165 -4.49 28.72 -8.00
CA SER B 165 -5.95 28.50 -8.04
C SER B 165 -6.31 27.19 -8.73
N GLU B 166 -5.63 26.93 -9.83
CA GLU B 166 -5.79 25.70 -10.58
C GLU B 166 -5.53 24.43 -9.73
N PHE B 167 -4.46 24.47 -8.95
CA PHE B 167 -4.10 23.35 -8.07
C PHE B 167 -5.14 23.19 -6.98
N LEU B 168 -5.58 24.31 -6.45
CA LEU B 168 -6.53 24.34 -5.35
C LEU B 168 -7.90 23.75 -5.65
N SER B 169 -8.42 24.05 -6.84
CA SER B 169 -9.68 23.49 -7.30
C SER B 169 -9.61 21.99 -7.51
N ASP B 170 -8.49 21.53 -8.03
CA ASP B 170 -8.23 20.12 -8.23
C ASP B 170 -8.03 19.43 -6.88
N PHE B 171 -7.12 19.98 -6.08
CA PHE B 171 -6.74 19.38 -4.81
C PHE B 171 -7.93 19.35 -3.84
N GLY B 172 -8.78 20.37 -3.90
CA GLY B 172 -9.94 20.46 -3.01
C GLY B 172 -11.24 19.94 -3.59
N ASP B 173 -11.21 19.53 -4.87
CA ASP B 173 -12.40 19.19 -5.66
C ASP B 173 -13.50 20.27 -5.58
N LEU B 174 -13.08 21.51 -5.80
CA LEU B 174 -13.98 22.67 -5.63
C LEU B 174 -14.98 22.75 -6.78
N SER B 175 -16.10 23.42 -6.51
CA SER B 175 -17.08 23.78 -7.53
C SER B 175 -16.47 24.71 -8.55
N ASP B 176 -17.18 24.95 -9.65
CA ASP B 176 -16.70 25.97 -10.62
C ASP B 176 -16.53 27.36 -9.99
N ASP B 177 -17.33 27.71 -8.98
CA ASP B 177 -17.19 29.03 -8.33
C ASP B 177 -16.27 29.04 -7.09
N GLY B 178 -15.47 27.99 -6.91
CA GLY B 178 -14.46 27.94 -5.86
C GLY B 178 -14.90 27.51 -4.46
N ARG B 179 -15.98 26.74 -4.35
CA ARG B 179 -16.49 26.34 -3.07
C ARG B 179 -16.41 24.83 -2.87
N TYR B 180 -16.06 24.41 -1.66
CA TYR B 180 -16.13 23.00 -1.32
C TYR B 180 -17.56 22.62 -0.98
N LEU B 181 -18.16 21.82 -1.86
CA LEU B 181 -19.56 21.38 -1.71
C LEU B 181 -19.70 19.87 -1.58
N GLY B 182 -18.62 19.19 -1.20
CA GLY B 182 -18.64 17.76 -1.12
C GLY B 182 -17.99 17.15 -2.33
N SER B 183 -17.87 15.82 -2.32
CA SER B 183 -17.03 15.13 -3.26
C SER B 183 -17.26 13.64 -3.24
N SER B 184 -17.12 13.02 -4.42
CA SER B 184 -17.08 11.57 -4.52
C SER B 184 -15.90 11.01 -3.77
N ARG B 185 -14.90 11.84 -3.50
CA ARG B 185 -13.75 11.42 -2.73
C ARG B 185 -14.11 11.01 -1.29
N ARG B 186 -15.24 11.48 -0.78
CA ARG B 186 -15.67 11.11 0.54
C ARG B 186 -16.09 9.63 0.66
N GLY B 187 -16.48 9.05 -0.46
CA GLY B 187 -17.12 7.73 -0.50
C GLY B 187 -18.62 7.80 -0.60
N TYR B 188 -19.24 6.64 -0.51
CA TYR B 188 -20.64 6.48 -0.88
C TYR B 188 -21.38 5.70 0.22
N ASP B 189 -22.55 6.18 0.60
CA ASP B 189 -23.40 5.41 1.51
C ASP B 189 -23.86 4.13 0.83
N SER B 190 -24.27 4.26 -0.43
CA SER B 190 -24.64 3.16 -1.27
C SER B 190 -23.69 3.15 -2.47
N GLU B 191 -23.00 2.03 -2.64
CA GLU B 191 -21.99 1.89 -3.69
C GLU B 191 -22.58 2.03 -5.08
N PRO B 192 -21.91 2.79 -5.95
CA PRO B 192 -22.42 2.87 -7.32
C PRO B 192 -22.31 1.55 -8.08
N GLY B 193 -23.47 1.09 -8.60
CA GLY B 193 -23.53 -0.15 -9.31
C GLY B 193 -23.82 0.02 -10.80
N ALA B 194 -24.73 -0.81 -11.28
CA ALA B 194 -25.08 -0.83 -12.68
C ALA B 194 -26.42 -0.18 -12.93
N GLY B 195 -26.70 0.08 -14.20
CA GLY B 195 -27.94 0.68 -14.61
C GLY B 195 -28.19 2.03 -13.97
N LEU B 196 -29.34 2.15 -13.32
CA LEU B 196 -29.76 3.39 -12.64
C LEU B 196 -29.39 3.38 -11.16
N ASN B 197 -28.62 2.37 -10.74
CA ASN B 197 -28.09 2.32 -9.39
C ASN B 197 -26.86 3.20 -9.29
N PHE B 198 -27.12 4.50 -9.15
CA PHE B 198 -26.10 5.54 -9.20
C PHE B 198 -25.23 5.58 -7.95
N GLY B 199 -25.74 5.04 -6.85
CA GLY B 199 -25.12 5.17 -5.55
C GLY B 199 -25.45 6.51 -4.95
N THR B 200 -25.07 6.71 -3.69
CA THR B 200 -25.39 7.92 -2.94
C THR B 200 -24.14 8.40 -2.21
N GLU B 201 -23.61 9.54 -2.66
CA GLU B 201 -22.44 10.15 -2.03
C GLU B 201 -22.67 10.52 -0.57
N LYS B 202 -21.67 10.24 0.26
CA LYS B 202 -21.66 10.72 1.64
C LYS B 202 -21.51 12.27 1.66
N LYS B 203 -22.44 12.91 2.36
CA LYS B 203 -22.49 14.37 2.42
C LYS B 203 -21.46 14.94 3.38
N PRO B 204 -20.93 16.15 3.05
CA PRO B 204 -19.86 16.76 3.83
C PRO B 204 -20.28 17.32 5.19
N PHE B 205 -19.36 17.27 6.14
CA PHE B 205 -19.49 18.07 7.35
C PHE B 205 -19.32 19.53 6.98
N ALA B 206 -19.68 20.40 7.91
CA ALA B 206 -19.48 21.83 7.75
C ALA B 206 -18.02 22.24 8.01
N MET B 207 -17.67 23.44 7.51
CA MET B 207 -16.33 24.03 7.72
C MET B 207 -15.97 24.05 9.24
N GLN B 208 -16.87 24.59 10.05
CA GLN B 208 -16.64 24.69 11.51
C GLN B 208 -16.47 23.36 12.21
N GLU B 209 -17.32 22.41 11.89
CA GLU B 209 -17.24 21.05 12.43
C GLU B 209 -15.88 20.41 12.18
N VAL B 210 -15.45 20.49 10.92
CA VAL B 210 -14.16 19.94 10.48
C VAL B 210 -13.00 20.52 11.27
N ILE B 211 -12.92 21.84 11.31
CA ILE B 211 -11.88 22.54 12.06
C ILE B 211 -11.96 22.28 13.55
N ARG B 212 -13.14 22.39 14.13
CA ARG B 212 -13.25 22.30 15.57
C ARG B 212 -13.19 20.86 16.09
N SER B 213 -13.34 19.88 15.21
CA SER B 213 -13.21 18.48 15.65
C SER B 213 -11.76 18.02 15.64
N GLY B 214 -10.90 18.75 14.91
CA GLY B 214 -9.49 18.33 14.72
C GLY B 214 -9.38 16.96 14.08
N ILE B 215 -10.26 16.74 13.12
CA ILE B 215 -10.34 15.50 12.37
C ILE B 215 -9.12 15.22 11.47
N GLY B 216 -8.31 16.24 11.23
CA GLY B 216 -7.13 16.11 10.37
C GLY B 216 -5.79 16.02 11.12
N ARG B 217 -5.87 15.92 12.44
CA ARG B 217 -4.70 15.92 13.31
C ARG B 217 -3.67 14.83 13.02
N ASN B 218 -4.12 13.72 12.43
CA ASN B 218 -3.22 12.62 12.12
C ASN B 218 -2.78 12.55 10.66
N PHE B 219 -3.26 13.44 9.81
CA PHE B 219 -2.90 13.39 8.39
C PHE B 219 -1.42 13.47 8.10
N SER B 220 -0.70 14.26 8.89
CA SER B 220 0.72 14.44 8.60
C SER B 220 1.54 13.17 8.85
N PHE B 221 0.96 12.18 9.55
CA PHE B 221 1.59 10.88 9.73
C PHE B 221 2.02 10.26 8.38
N ASP B 222 1.13 10.39 7.38
CA ASP B 222 1.35 9.89 6.05
C ASP B 222 2.66 10.33 5.46
N PHE B 223 3.11 11.53 5.84
CA PHE B 223 4.34 12.14 5.33
C PHE B 223 5.64 11.76 6.05
N GLY B 224 5.59 11.11 7.21
CA GLY B 224 6.83 10.83 7.92
C GLY B 224 7.83 10.12 7.03
N TYR B 225 9.09 10.55 7.09
CA TYR B 225 10.11 9.97 6.21
C TYR B 225 10.12 8.46 6.34
N ASP B 226 9.95 7.98 7.56
CA ASP B 226 10.02 6.56 7.86
C ASP B 226 8.66 5.87 7.83
N GLN B 227 7.58 6.59 7.47
CA GLN B 227 6.19 6.05 7.48
C GLN B 227 5.45 6.10 6.13
N ALA B 228 5.82 7.08 5.30
CA ALA B 228 5.20 7.22 3.99
C ALA B 228 5.14 5.91 3.19
N MET B 229 3.98 5.65 2.57
CA MET B 229 3.87 4.59 1.60
C MET B 229 4.81 4.86 0.39
N MET B 230 5.46 3.83 -0.14
CA MET B 230 5.24 2.43 0.20
C MET B 230 6.09 1.94 1.41
N MET B 231 5.45 1.11 2.23
CA MET B 231 6.04 0.45 3.40
C MET B 231 6.00 -1.06 3.21
N PHE B 232 6.94 -1.75 3.83
CA PHE B 232 7.09 -3.18 3.65
C PHE B 232 7.22 -3.94 4.94
N THR B 233 7.00 -5.24 4.88
CA THR B 233 7.19 -6.14 6.03
C THR B 233 7.45 -7.55 5.53
N PRO B 234 8.25 -8.35 6.26
CA PRO B 234 8.45 -9.73 5.87
C PRO B 234 7.17 -10.52 5.84
N VAL B 235 7.04 -11.41 4.87
CA VAL B 235 5.92 -12.32 4.79
C VAL B 235 6.03 -13.33 5.92
N GLY B 236 4.99 -13.37 6.76
CA GLY B 236 4.97 -14.34 7.86
C GLY B 236 5.53 -13.91 9.20
N GLY B 237 6.02 -12.68 9.28
CA GLY B 237 6.50 -12.12 10.51
C GLY B 237 7.85 -11.48 10.42
N MET B 238 8.06 -10.44 11.22
CA MET B 238 9.33 -9.69 11.20
C MET B 238 10.48 -10.53 11.70
N ASP B 239 10.19 -11.45 12.61
CA ASP B 239 11.24 -12.27 13.23
C ASP B 239 11.97 -13.12 12.21
N ARG B 240 11.33 -13.34 11.07
CA ARG B 240 11.89 -14.18 10.03
C ARG B 240 13.25 -13.67 9.53
N ILE B 241 13.47 -12.35 9.63
CA ILE B 241 14.81 -11.77 9.38
C ILE B 241 15.91 -12.37 10.31
N TYR B 242 15.53 -12.56 11.56
CA TYR B 242 16.48 -12.90 12.62
C TYR B 242 16.64 -14.41 12.82
N TYR B 243 15.63 -15.18 12.41
CA TYR B 243 15.83 -16.60 12.19
C TYR B 243 16.75 -16.89 10.97
N ALA B 244 16.68 -16.02 9.96
CA ALA B 244 17.54 -16.09 8.79
C ALA B 244 19.02 -15.75 9.15
N PHE B 245 19.21 -14.70 9.97
CA PHE B 245 20.54 -14.40 10.51
C PHE B 245 21.07 -15.59 11.33
N GLN B 246 20.24 -16.09 12.25
CA GLN B 246 20.58 -17.26 13.08
C GLN B 246 21.10 -18.44 12.27
N ASP B 247 20.40 -18.73 11.19
CA ASP B 247 20.73 -19.86 10.35
C ASP B 247 22.00 -19.62 9.59
N ARG B 248 22.24 -18.38 9.12
CA ARG B 248 23.52 -18.08 8.49
C ARG B 248 24.71 -18.16 9.47
N ILE B 249 24.52 -17.61 10.67
CA ILE B 249 25.58 -17.61 11.68
C ILE B 249 25.88 -19.04 12.12
N GLY B 250 24.82 -19.80 12.33
CA GLY B 250 24.93 -21.17 12.79
C GLY B 250 24.71 -21.25 14.29
N THR B 251 23.83 -22.16 14.69
CA THR B 251 23.49 -22.31 16.11
C THR B 251 24.62 -22.84 16.98
N ASP B 252 25.72 -23.28 16.39
CA ASP B 252 26.90 -23.62 17.20
C ASP B 252 27.62 -22.38 17.72
N ASN B 253 27.34 -21.24 17.09
CA ASN B 253 27.94 -19.96 17.45
C ASN B 253 26.98 -19.04 18.18
N ILE B 254 25.85 -19.57 18.63
CA ILE B 254 24.90 -18.81 19.44
C ILE B 254 24.44 -19.65 20.63
N VAL B 255 24.62 -19.13 21.84
CA VAL B 255 24.07 -19.75 23.04
C VAL B 255 22.76 -19.04 23.42
N PHE B 256 21.64 -19.74 23.27
CA PHE B 256 20.34 -19.24 23.74
C PHE B 256 20.10 -19.66 25.19
N GLY B 257 19.23 -18.92 25.85
CA GLY B 257 18.98 -19.10 27.26
C GLY B 257 20.18 -18.68 28.08
N ALA B 258 20.97 -17.76 27.52
CA ALA B 258 22.26 -17.37 28.09
C ALA B 258 22.19 -15.99 28.71
N GLU B 259 21.82 -15.92 29.99
CA GLU B 259 21.75 -14.65 30.67
C GLU B 259 23.15 -14.20 31.08
N VAL B 260 23.58 -13.09 30.52
CA VAL B 260 24.86 -12.52 30.91
C VAL B 260 24.70 -11.88 32.28
N THR B 261 25.71 -12.07 33.12
CA THR B 261 25.70 -11.55 34.49
C THR B 261 26.96 -10.73 34.84
N SER B 262 27.98 -10.81 33.98
CA SER B 262 29.23 -10.06 34.16
C SER B 262 29.88 -9.80 32.81
N MET B 263 30.57 -8.68 32.72
CA MET B 263 31.29 -8.28 31.53
C MET B 263 32.46 -7.41 31.96
N LYS B 264 33.69 -7.87 31.73
CA LYS B 264 34.88 -7.17 32.23
C LYS B 264 36.04 -7.14 31.24
N ASN B 265 36.71 -6.00 31.17
CA ASN B 265 37.98 -5.89 30.50
C ASN B 265 39.05 -6.58 31.36
N VAL B 266 39.78 -7.53 30.76
CA VAL B 266 40.85 -8.25 31.46
C VAL B 266 42.08 -8.30 30.56
N SER B 267 43.22 -8.69 31.12
CA SER B 267 44.47 -8.71 30.35
C SER B 267 44.39 -9.56 29.07
N GLU B 268 43.60 -10.63 29.10
CA GLU B 268 43.45 -11.50 27.92
C GLU B 268 42.43 -11.01 26.87
N GLY B 269 41.62 -10.04 27.23
CA GLY B 269 40.65 -9.45 26.32
C GLY B 269 39.44 -8.97 27.11
N VAL B 270 38.29 -9.61 26.88
CA VAL B 270 37.07 -9.31 27.64
C VAL B 270 36.47 -10.63 28.05
N THR B 271 36.14 -10.75 29.34
CA THR B 271 35.53 -11.94 29.89
C THR B 271 34.08 -11.70 30.28
N VAL B 272 33.21 -12.61 29.85
CA VAL B 272 31.79 -12.48 30.07
C VAL B 272 31.32 -13.74 30.80
N GLU B 273 30.61 -13.55 31.90
CA GLU B 273 30.03 -14.66 32.63
C GLU B 273 28.54 -14.68 32.36
N TYR B 274 27.96 -15.87 32.20
CA TYR B 274 26.55 -16.01 31.91
C TYR B 274 26.00 -17.29 32.49
N THR B 275 24.69 -17.31 32.75
CA THR B 275 23.99 -18.50 33.20
C THR B 275 23.13 -19.07 32.07
N ALA B 276 23.37 -20.34 31.76
CA ALA B 276 22.64 -21.07 30.73
C ALA B 276 22.30 -22.47 31.23
N GLY B 277 21.00 -22.76 31.25
CA GLY B 277 20.50 -24.05 31.76
C GLY B 277 20.75 -24.22 33.26
N GLY B 278 20.75 -23.12 33.98
CA GLY B 278 21.02 -23.12 35.40
C GLY B 278 22.48 -23.36 35.75
N SER B 279 23.34 -23.33 34.72
CA SER B 279 24.76 -23.61 34.89
C SER B 279 25.57 -22.35 34.62
N LYS B 280 26.60 -22.09 35.44
CA LYS B 280 27.44 -20.89 35.30
C LYS B 280 28.52 -21.12 34.26
N LYS B 281 28.60 -20.24 33.25
CA LYS B 281 29.57 -20.40 32.17
C LYS B 281 30.38 -19.12 32.02
N SER B 282 31.51 -19.25 31.33
CA SER B 282 32.39 -18.11 31.09
C SER B 282 33.04 -18.20 29.72
N ILE B 283 33.18 -17.03 29.09
CA ILE B 283 33.83 -16.93 27.80
C ILE B 283 34.73 -15.70 27.74
N THR B 284 35.90 -15.87 27.15
CA THR B 284 36.81 -14.75 26.91
C THR B 284 37.08 -14.60 25.41
N ALA B 285 36.95 -13.36 24.97
CA ALA B 285 37.20 -12.97 23.60
C ALA B 285 38.08 -11.72 23.53
N ASP B 286 38.66 -11.50 22.36
CA ASP B 286 39.54 -10.37 22.14
C ASP B 286 38.79 -9.04 22.27
N TYR B 287 37.53 -9.04 21.85
CA TYR B 287 36.66 -7.86 21.92
C TYR B 287 35.26 -8.31 22.32
N ALA B 288 34.49 -7.41 22.92
CA ALA B 288 33.04 -7.60 23.13
C ALA B 288 32.22 -6.53 22.44
N ILE B 289 31.05 -6.94 21.93
CA ILE B 289 30.06 -6.00 21.42
C ILE B 289 28.84 -6.22 22.28
N CYS B 290 28.48 -5.19 23.04
CA CYS B 290 27.38 -5.29 24.01
C CYS B 290 26.15 -4.54 23.51
N THR B 291 25.14 -5.31 23.11
CA THR B 291 23.87 -4.77 22.60
C THR B 291 22.72 -4.86 23.60
N ILE B 292 23.01 -5.31 24.82
CA ILE B 292 22.05 -5.24 25.92
C ILE B 292 21.50 -3.81 26.11
N PRO B 293 20.18 -3.64 26.20
CA PRO B 293 19.65 -2.31 26.39
C PRO B 293 20.40 -1.59 27.51
N PRO B 294 20.67 -0.27 27.36
CA PRO B 294 21.64 0.46 28.19
C PRO B 294 21.30 0.51 29.68
N HIS B 295 20.01 0.66 30.00
CA HIS B 295 19.55 0.66 31.39
C HIS B 295 19.71 -0.69 32.12
N LEU B 296 19.89 -1.73 31.33
CA LEU B 296 20.17 -3.05 31.85
C LEU B 296 21.68 -3.33 32.04
N VAL B 297 22.54 -2.53 31.43
CA VAL B 297 23.98 -2.79 31.45
C VAL B 297 24.58 -2.64 32.86
N GLY B 298 23.99 -1.74 33.64
CA GLY B 298 24.44 -1.42 35.00
C GLY B 298 24.27 -2.54 36.00
N ARG B 299 23.31 -3.42 35.72
CA ARG B 299 23.07 -4.57 36.56
C ARG B 299 24.13 -5.62 36.50
N LEU B 300 24.91 -5.62 35.42
CA LEU B 300 25.99 -6.57 35.26
C LEU B 300 27.13 -6.22 36.22
N GLN B 301 27.83 -7.26 36.67
CA GLN B 301 29.14 -7.07 37.27
C GLN B 301 30.07 -6.58 36.19
N ASN B 302 30.76 -5.48 36.45
CA ASN B 302 31.53 -4.82 35.41
C ASN B 302 32.71 -4.00 35.94
N ASN B 303 33.57 -3.55 35.04
CA ASN B 303 34.62 -2.62 35.41
C ASN B 303 34.65 -1.44 34.46
N LEU B 304 33.45 -0.98 34.14
CA LEU B 304 33.25 0.19 33.31
C LEU B 304 33.51 1.43 34.14
N PRO B 305 34.10 2.48 33.52
CA PRO B 305 34.31 3.73 34.23
C PRO B 305 33.02 4.39 34.71
N GLY B 306 33.11 5.09 35.83
CA GLY B 306 31.94 5.77 36.43
C GLY B 306 31.18 6.62 35.43
N ASP B 307 31.91 7.38 34.63
CA ASP B 307 31.29 8.27 33.65
C ASP B 307 30.57 7.52 32.53
N VAL B 308 31.01 6.29 32.27
CA VAL B 308 30.35 5.39 31.31
C VAL B 308 29.06 4.83 31.94
N LEU B 309 29.10 4.53 33.23
CA LEU B 309 27.88 4.06 33.95
C LEU B 309 26.80 5.13 34.09
N THR B 310 27.26 6.37 34.10
CA THR B 310 26.41 7.54 34.18
C THR B 310 25.79 7.84 32.83
N ALA B 311 26.57 7.72 31.77
CA ALA B 311 26.05 7.94 30.40
C ALA B 311 24.97 6.92 30.04
N LEU B 312 25.19 5.66 30.44
CA LEU B 312 24.22 4.59 30.19
C LEU B 312 22.88 4.87 30.83
N LYS B 313 22.87 5.58 31.95
CA LYS B 313 21.64 5.93 32.65
C LYS B 313 20.89 7.10 32.02
N ALA B 314 21.47 7.74 31.01
CA ALA B 314 20.79 8.84 30.32
C ALA B 314 19.81 8.36 29.25
N ALA B 315 19.94 7.10 28.85
CA ALA B 315 19.08 6.53 27.80
C ALA B 315 17.83 5.98 28.47
N LYS B 316 16.88 6.86 28.68
CA LYS B 316 15.72 6.53 29.53
C LYS B 316 14.73 5.59 28.84
N PRO B 317 14.28 4.56 29.54
CA PRO B 317 13.32 3.63 28.93
C PRO B 317 11.96 4.27 28.62
N SER B 318 11.27 3.70 27.63
CA SER B 318 10.01 4.22 27.13
C SER B 318 9.01 3.09 27.11
N SER B 319 7.77 3.47 27.33
CA SER B 319 6.72 2.46 27.30
C SER B 319 6.08 2.36 25.93
N SER B 320 5.81 1.12 25.54
CA SER B 320 4.96 0.81 24.37
C SER B 320 4.51 -0.64 24.46
N GLY B 321 3.33 -0.91 23.94
CA GLY B 321 2.84 -2.24 23.88
C GLY B 321 1.72 -2.43 22.91
N LYS B 322 1.39 -3.69 22.69
CA LYS B 322 0.38 -4.08 21.71
C LYS B 322 -0.46 -5.21 22.24
N LEU B 323 -1.64 -5.37 21.64
CA LEU B 323 -2.54 -6.50 21.95
C LEU B 323 -3.27 -6.94 20.69
N GLY B 324 -3.09 -8.21 20.36
CA GLY B 324 -3.71 -8.85 19.20
C GLY B 324 -4.89 -9.73 19.55
N ILE B 325 -5.92 -9.63 18.73
CA ILE B 325 -7.10 -10.43 18.87
C ILE B 325 -7.34 -11.18 17.58
N GLU B 326 -7.42 -12.50 17.68
CA GLU B 326 -7.85 -13.32 16.57
C GLU B 326 -9.36 -13.38 16.58
N TYR B 327 -9.94 -13.03 15.43
CA TYR B 327 -11.36 -13.17 15.19
C TYR B 327 -11.59 -14.34 14.24
N SER B 328 -12.72 -15.01 14.41
CA SER B 328 -13.13 -16.14 13.57
C SER B 328 -13.94 -15.70 12.36
N ARG B 329 -13.96 -14.39 12.15
CA ARG B 329 -14.65 -13.77 11.06
C ARG B 329 -13.89 -12.45 10.76
N ARG B 330 -13.59 -12.22 9.48
CA ARG B 330 -12.92 -10.98 9.02
C ARG B 330 -13.93 -9.87 8.71
N TRP B 331 -14.58 -9.38 9.77
CA TRP B 331 -15.68 -8.42 9.67
C TRP B 331 -15.23 -7.06 9.12
N TRP B 332 -13.95 -6.76 9.32
CA TRP B 332 -13.38 -5.51 8.84
C TRP B 332 -13.39 -5.46 7.32
N GLU B 333 -13.10 -6.59 6.72
CA GLU B 333 -13.05 -6.72 5.28
C GLU B 333 -14.50 -6.85 4.78
N THR B 334 -15.24 -7.77 5.38
CA THR B 334 -16.58 -8.09 4.88
C THR B 334 -17.59 -6.97 5.11
N GLU B 335 -17.55 -6.32 6.25
CA GLU B 335 -18.48 -5.25 6.53
C GLU B 335 -17.94 -3.87 6.25
N ASP B 336 -16.76 -3.58 6.79
CA ASP B 336 -16.25 -2.21 6.74
C ASP B 336 -15.46 -1.88 5.46
N ARG B 337 -15.21 -2.91 4.67
CA ARG B 337 -14.41 -2.86 3.45
C ARG B 337 -13.04 -2.29 3.78
N ILE B 338 -12.47 -2.76 4.88
CA ILE B 338 -11.11 -2.42 5.33
C ILE B 338 -10.22 -3.62 5.11
N TYR B 339 -9.22 -3.45 4.24
CA TYR B 339 -8.17 -4.44 4.04
C TYR B 339 -6.83 -3.82 4.45
N GLY B 340 -6.39 -4.12 5.67
CA GLY B 340 -5.17 -3.53 6.20
C GLY B 340 -5.34 -2.07 6.58
N GLY B 341 -4.24 -1.47 7.00
CA GLY B 341 -4.25 -0.13 7.52
C GLY B 341 -4.57 -0.10 9.00
N ALA B 342 -4.82 1.12 9.49
CA ALA B 342 -5.08 1.37 10.89
C ALA B 342 -6.14 2.45 11.07
N SER B 343 -6.98 2.25 12.08
CA SER B 343 -7.87 3.31 12.53
C SER B 343 -7.09 4.06 13.61
N ASN B 344 -7.33 5.35 13.75
CA ASN B 344 -6.62 6.22 14.68
C ASN B 344 -7.58 6.86 15.66
N THR B 345 -7.11 7.08 16.89
CA THR B 345 -7.98 7.66 17.89
C THR B 345 -7.19 8.32 19.00
N ASP B 346 -7.87 9.16 19.76
CA ASP B 346 -7.30 9.76 20.97
C ASP B 346 -7.52 8.87 22.19
N LYS B 347 -8.29 7.81 22.04
CA LYS B 347 -8.46 6.84 23.10
C LYS B 347 -7.11 6.19 23.46
N ASP B 348 -7.07 5.56 24.64
CA ASP B 348 -5.86 4.89 25.10
C ASP B 348 -5.36 3.84 24.13
N ILE B 349 -6.29 3.12 23.49
CA ILE B 349 -5.92 2.14 22.48
C ILE B 349 -5.03 2.73 21.37
N SER B 350 -5.30 3.98 21.02
CA SER B 350 -4.47 4.82 20.15
C SER B 350 -4.66 4.55 18.65
N GLN B 351 -4.65 3.28 18.31
CA GLN B 351 -4.86 2.81 16.97
C GLN B 351 -5.22 1.33 16.94
N ILE B 352 -6.06 0.97 15.97
CA ILE B 352 -6.42 -0.41 15.69
C ILE B 352 -5.87 -0.77 14.32
N MET B 353 -5.03 -1.78 14.26
CA MET B 353 -4.31 -2.14 13.04
C MET B 353 -4.80 -3.45 12.45
N PHE B 354 -5.17 -3.41 11.17
CA PHE B 354 -5.79 -4.54 10.51
C PHE B 354 -4.74 -5.27 9.69
N PRO B 355 -4.83 -6.60 9.62
CA PRO B 355 -3.75 -7.42 9.06
C PRO B 355 -3.54 -7.28 7.56
N TYR B 356 -2.27 -7.45 7.19
CA TYR B 356 -1.78 -7.31 5.81
C TYR B 356 -1.53 -8.66 5.10
N ASP B 357 -2.16 -9.70 5.62
CA ASP B 357 -2.10 -11.00 5.03
C ASP B 357 -3.40 -11.75 5.24
N HIS B 358 -3.49 -12.92 4.61
CA HIS B 358 -4.70 -13.75 4.64
C HIS B 358 -5.97 -12.97 4.21
N TYR B 359 -5.81 -12.04 3.27
CA TYR B 359 -6.90 -11.24 2.75
C TYR B 359 -7.96 -12.19 2.24
N ASN B 360 -9.19 -11.90 2.58
CA ASN B 360 -10.33 -12.72 2.16
C ASN B 360 -10.42 -14.11 2.76
N SER B 361 -9.67 -14.33 3.85
CA SER B 361 -9.71 -15.62 4.53
C SER B 361 -10.86 -15.66 5.55
N ASP B 362 -10.94 -16.75 6.31
CA ASP B 362 -12.04 -16.96 7.26
C ASP B 362 -11.76 -16.42 8.67
N ARG B 363 -10.55 -15.93 8.91
CA ARG B 363 -10.18 -15.53 10.25
C ARG B 363 -8.95 -14.62 10.16
N GLY B 364 -8.65 -13.94 11.26
CA GLY B 364 -7.45 -13.09 11.29
C GLY B 364 -7.21 -12.40 12.62
N VAL B 365 -5.98 -11.91 12.77
CA VAL B 365 -5.57 -11.19 13.94
C VAL B 365 -5.54 -9.66 13.69
N VAL B 366 -6.31 -8.96 14.51
CA VAL B 366 -6.36 -7.52 14.61
C VAL B 366 -5.49 -7.05 15.78
N VAL B 367 -4.69 -6.03 15.53
CA VAL B 367 -3.88 -5.41 16.58
C VAL B 367 -4.78 -4.36 17.23
N ALA B 368 -5.50 -4.83 18.24
CA ALA B 368 -6.50 -4.04 18.99
C ALA B 368 -5.93 -2.80 19.65
N TYR B 369 -4.64 -2.79 19.98
CA TYR B 369 -3.98 -1.55 20.35
C TYR B 369 -2.50 -1.59 20.12
N TYR B 370 -2.00 -0.43 19.75
CA TYR B 370 -0.57 -0.20 19.71
C TYR B 370 -0.39 1.19 20.25
N SER B 371 0.01 1.26 21.53
CA SER B 371 0.04 2.52 22.23
C SER B 371 1.35 2.70 22.98
N SER B 372 1.72 3.97 23.08
CA SER B 372 2.98 4.39 23.64
C SER B 372 2.83 5.57 24.61
N GLY B 373 3.79 5.65 25.51
CA GLY B 373 3.84 6.69 26.50
C GLY B 373 2.68 6.60 27.47
N LYS B 374 2.04 7.74 27.71
CA LYS B 374 0.93 7.81 28.66
C LYS B 374 -0.15 6.77 28.38
N ARG B 375 -0.44 6.57 27.11
CA ARG B 375 -1.53 5.72 26.70
C ARG B 375 -1.13 4.25 26.70
N GLN B 376 0.14 3.95 26.95
CA GLN B 376 0.52 2.53 27.24
C GLN B 376 0.61 2.25 28.73
N GLU B 377 1.04 3.26 29.48
CA GLU B 377 1.02 3.17 30.96
C GLU B 377 -0.34 2.72 31.45
N ALA B 378 -1.35 3.18 30.73
CA ALA B 378 -2.76 2.85 31.01
C ALA B 378 -3.10 1.34 30.95
N PHE B 379 -2.31 0.58 30.20
CA PHE B 379 -2.47 -0.87 30.01
C PHE B 379 -1.41 -1.69 30.81
N GLU B 380 -0.23 -1.08 30.94
CA GLU B 380 0.94 -1.75 31.49
C GLU B 380 0.69 -2.54 32.78
N SER B 381 -0.02 -1.93 33.72
CA SER B 381 -0.23 -2.52 35.04
C SER B 381 -1.47 -3.38 35.10
N LEU B 382 -2.26 -3.37 34.04
CA LEU B 382 -3.42 -4.24 33.98
C LEU B 382 -3.00 -5.67 33.66
N THR B 383 -3.80 -6.62 34.13
CA THR B 383 -3.61 -7.99 33.74
C THR B 383 -3.98 -8.09 32.26
N HIS B 384 -3.58 -9.17 31.62
CA HIS B 384 -3.94 -9.31 30.22
C HIS B 384 -5.46 -9.30 30.02
N ARG B 385 -6.17 -9.97 30.91
CA ARG B 385 -7.64 -9.98 30.87
C ARG B 385 -8.24 -8.58 30.90
N GLN B 386 -7.72 -7.73 31.76
CA GLN B 386 -8.15 -6.36 31.90
C GLN B 386 -7.77 -5.54 30.68
N ARG B 387 -6.59 -5.84 30.12
CA ARG B 387 -6.11 -5.19 28.89
C ARG B 387 -7.05 -5.51 27.75
N LEU B 388 -7.43 -6.77 27.64
CA LEU B 388 -8.38 -7.22 26.63
C LEU B 388 -9.74 -6.53 26.78
N ALA B 389 -10.28 -6.58 27.98
CA ALA B 389 -11.58 -5.96 28.26
C ALA B 389 -11.54 -4.48 27.86
CA LYS B 390 -10.34 -2.42 27.90
C LYS B 390 -10.21 -2.13 26.37
N ALA B 391 -9.42 -2.95 25.70
CA ALA B 391 -9.24 -2.88 24.24
C ALA B 391 -10.55 -3.12 23.48
N ILE B 392 -11.35 -4.06 23.95
CA ILE B 392 -12.63 -4.36 23.32
C ILE B 392 -13.64 -3.22 23.53
N ALA B 393 -13.72 -2.69 24.74
CA ALA B 393 -14.66 -1.61 25.01
C ALA B 393 -14.36 -0.43 24.09
N GLU B 394 -13.10 0.01 24.11
CA GLU B 394 -12.69 1.17 23.30
C GLU B 394 -12.79 0.89 21.80
N GLY B 395 -12.40 -0.30 21.36
CA GLY B 395 -12.54 -0.69 19.98
C GLY B 395 -14.00 -0.71 19.53
N SER B 396 -14.90 -1.11 20.42
CA SER B 396 -16.30 -1.16 20.06
C SER B 396 -16.85 0.25 19.87
N GLU B 397 -16.20 1.22 20.50
CA GLU B 397 -16.56 2.62 20.35
C GLU B 397 -16.18 3.19 18.99
N ILE B 398 -15.35 2.46 18.25
CA ILE B 398 -14.84 2.96 16.94
C ILE B 398 -15.44 2.15 15.80
N HIS B 399 -15.51 0.84 16.00
CA HIS B 399 -15.93 -0.13 14.99
C HIS B 399 -17.22 -0.88 15.32
N GLY B 400 -17.90 -0.47 16.39
CA GLY B 400 -19.22 -0.99 16.66
C GLY B 400 -19.25 -2.24 17.49
N GLU B 401 -20.45 -2.80 17.61
CA GLU B 401 -20.65 -4.01 18.42
C GLU B 401 -19.99 -5.25 17.86
N LYS B 402 -19.79 -5.29 16.54
CA LYS B 402 -19.15 -6.42 15.88
C LYS B 402 -17.74 -6.66 16.42
N TYR B 403 -17.14 -5.62 17.00
CA TYR B 403 -15.79 -5.69 17.56
C TYR B 403 -15.74 -6.67 18.73
N THR B 404 -16.89 -6.80 19.39
CA THR B 404 -17.02 -7.63 20.60
C THR B 404 -17.32 -9.12 20.30
N ARG B 405 -17.70 -9.42 19.05
CA ARG B 405 -18.14 -10.75 18.68
C ARG B 405 -17.12 -11.49 17.87
N ASP B 406 -17.24 -12.82 17.87
CA ASP B 406 -16.38 -13.69 17.07
C ASP B 406 -14.93 -13.63 17.53
N ILE B 407 -14.72 -13.43 18.83
CA ILE B 407 -13.33 -13.43 19.39
C ILE B 407 -12.88 -14.84 19.77
N SER B 408 -11.75 -15.25 19.20
CA SER B 408 -11.20 -16.57 19.45
C SER B 408 -10.23 -16.56 20.63
N SER B 409 -9.19 -15.76 20.49
CA SER B 409 -8.13 -15.68 21.48
C SER B 409 -7.47 -14.33 21.41
N SER B 410 -6.53 -14.11 22.33
CA SER B 410 -5.78 -12.86 22.37
C SER B 410 -4.41 -13.00 23.03
N PHE B 411 -3.54 -12.04 22.76
CA PHE B 411 -2.17 -12.05 23.28
C PHE B 411 -1.63 -10.63 23.23
N SER B 412 -1.08 -10.21 24.35
CA SER B 412 -0.56 -8.87 24.57
C SER B 412 0.89 -8.88 25.02
N GLY B 413 1.56 -7.77 24.71
CA GLY B 413 2.86 -7.48 25.27
C GLY B 413 2.98 -6.03 25.65
N SER B 414 3.72 -5.76 26.72
CA SER B 414 4.05 -4.42 27.14
C SER B 414 5.56 -4.34 27.38
N TRP B 415 6.24 -3.67 26.49
CA TRP B 415 7.71 -3.73 26.45
C TRP B 415 8.43 -3.38 27.75
N ARG B 416 7.89 -2.43 28.50
CA ARG B 416 8.52 -2.04 29.77
C ARG B 416 8.45 -3.14 30.84
N ARG B 417 7.45 -4.01 30.71
CA ARG B 417 7.19 -5.06 31.66
C ARG B 417 7.81 -6.34 31.19
N THR B 418 8.62 -6.26 30.14
CA THR B 418 8.99 -7.52 29.69
C THR B 418 10.52 -7.80 29.52
N LYS B 419 10.83 -8.82 30.30
CA LYS B 419 11.89 -9.73 30.02
C LYS B 419 13.05 -9.28 29.18
N TYR B 420 14.15 -8.75 29.70
CA TYR B 420 15.33 -8.52 28.86
C TYR B 420 15.22 -7.35 27.86
N SER B 421 14.11 -6.65 27.96
CA SER B 421 13.87 -5.43 27.23
C SER B 421 13.67 -4.32 28.24
N GLU B 422 12.56 -4.38 28.98
CA GLU B 422 12.20 -3.38 29.96
C GLU B 422 12.20 -1.97 29.38
N SER B 423 11.79 -1.88 28.12
CA SER B 423 11.73 -0.61 27.41
C SER B 423 11.38 -0.95 25.97
N ALA B 424 10.68 -0.07 25.32
CA ALA B 424 10.43 -0.21 23.90
C ALA B 424 11.63 0.32 23.11
N TRP B 425 12.18 1.41 23.63
CA TRP B 425 13.27 2.15 22.98
C TRP B 425 13.73 3.26 23.90
N ALA B 426 14.94 3.76 23.63
CA ALA B 426 15.61 4.73 24.47
C ALA B 426 15.13 6.16 24.18
N ASN B 427 15.00 6.94 25.23
CA ASN B 427 14.69 8.35 25.13
C ASN B 427 15.77 9.13 25.87
N TRP B 428 16.77 9.56 25.13
CA TRP B 428 17.95 10.18 25.72
C TRP B 428 17.53 11.44 26.45
N ALA B 429 18.06 11.57 27.67
CA ALA B 429 17.97 12.80 28.45
C ALA B 429 18.53 13.99 27.68
N GLY B 430 17.72 15.05 27.60
CA GLY B 430 18.13 16.26 26.94
C GLY B 430 17.90 16.23 25.46
N ALA B 439 22.96 15.03 18.94
CA ALA B 439 23.63 14.03 19.76
C ALA B 439 23.94 14.60 21.12
N THR B 440 23.40 13.98 22.16
CA THR B 440 23.72 14.34 23.53
C THR B 440 25.15 13.88 23.92
N PRO B 441 25.75 14.49 24.96
CA PRO B 441 27.10 14.07 25.44
C PRO B 441 27.17 12.61 25.86
N GLU B 442 26.08 12.10 26.43
CA GLU B 442 26.01 10.70 26.90
C GLU B 442 25.94 9.72 25.72
N TYR B 443 25.13 10.10 24.73
CA TYR B 443 25.06 9.35 23.48
C TYR B 443 26.43 9.35 22.83
N GLU B 444 27.03 10.53 22.74
CA GLU B 444 28.35 10.62 22.11
C GLU B 444 29.41 9.84 22.87
N LYS B 445 29.34 9.88 24.20
CA LYS B 445 30.34 9.20 25.06
C LYS B 445 30.34 7.71 24.77
N LEU B 446 29.14 7.18 24.61
CA LEU B 446 28.98 5.75 24.49
C LEU B 446 29.34 5.19 23.11
N LEU B 447 29.57 6.07 22.14
CA LEU B 447 30.06 5.66 20.83
C LEU B 447 31.53 5.22 20.89
N GLU B 448 32.20 5.54 21.99
CA GLU B 448 33.62 5.21 22.13
C GLU B 448 33.76 3.84 22.77
N PRO B 449 34.73 3.05 22.32
CA PRO B 449 34.98 1.81 23.02
C PRO B 449 35.36 2.06 24.46
N VAL B 450 35.18 1.06 25.30
CA VAL B 450 35.66 1.08 26.68
C VAL B 450 36.75 0.02 26.75
N ASP B 451 37.94 0.46 26.35
CA ASP B 451 39.04 -0.41 25.98
C ASP B 451 38.62 -1.37 24.86
N LYS B 452 38.27 -2.60 25.20
CA LYS B 452 37.91 -3.62 24.21
C LYS B 452 36.39 -3.93 24.17
N ILE B 453 35.60 -3.19 24.97
CA ILE B 453 34.13 -3.28 24.98
C ILE B 453 33.47 -2.17 24.17
N TYR B 454 32.69 -2.59 23.16
CA TYR B 454 31.96 -1.66 22.32
C TYR B 454 30.48 -1.79 22.61
N PHE B 455 29.78 -0.66 22.59
CA PHE B 455 28.31 -0.66 22.66
C PHE B 455 27.70 -0.45 21.26
N ALA B 456 26.69 -1.27 20.97
CA ALA B 456 25.88 -1.13 19.76
C ALA B 456 24.41 -1.33 20.09
N GLY B 457 23.55 -0.77 19.24
CA GLY B 457 22.11 -0.90 19.40
C GLY B 457 21.41 0.25 18.74
N ASP B 458 20.07 0.17 18.63
CA ASP B 458 19.31 1.25 17.98
C ASP B 458 19.37 2.56 18.74
N HIS B 459 19.77 2.46 20.00
CA HIS B 459 19.86 3.62 20.89
C HIS B 459 21.11 4.47 20.66
N LEU B 460 22.02 3.92 19.87
CA LEU B 460 23.22 4.64 19.45
C LEU B 460 23.20 4.88 17.93
N SER B 461 22.06 5.42 17.50
CA SER B 461 21.80 5.73 16.10
C SER B 461 20.89 6.96 16.00
N ASN B 462 20.71 7.42 14.75
CA ASN B 462 19.77 8.48 14.43
C ASN B 462 18.50 7.88 13.86
N ALA B 463 18.27 6.60 14.18
CA ALA B 463 17.02 5.94 13.84
C ALA B 463 16.63 5.03 14.99
N ILE B 464 16.56 5.60 16.19
CA ILE B 464 16.12 4.87 17.39
C ILE B 464 14.72 4.34 17.12
N ALA B 465 14.47 3.09 17.49
CA ALA B 465 13.16 2.46 17.33
C ALA B 465 12.95 2.05 15.88
N TRP B 466 14.07 1.81 15.20
CA TRP B 466 14.07 1.24 13.87
C TRP B 466 15.19 0.21 13.77
N GLN B 467 14.86 -0.95 13.24
CA GLN B 467 15.89 -1.92 12.89
C GLN B 467 17.08 -1.28 12.14
N HIS B 468 16.80 -0.34 11.22
CA HIS B 468 17.86 0.41 10.49
C HIS B 468 18.90 0.98 11.44
N GLY B 469 18.44 1.42 12.61
CA GLY B 469 19.30 1.98 13.61
C GLY B 469 20.20 0.98 14.31
N ALA B 470 19.65 -0.19 14.57
CA ALA B 470 20.45 -1.30 15.19
C ALA B 470 21.48 -1.86 14.18
N LEU B 471 21.06 -2.03 12.92
CA LEU B 471 21.86 -2.63 11.89
C LEU B 471 23.00 -1.73 11.45
N THR B 472 22.73 -0.42 11.34
CA THR B 472 23.79 0.54 11.01
C THR B 472 24.76 0.75 12.21
N SER B 473 24.25 0.66 13.42
CA SER B 473 25.11 0.65 14.61
C SER B 473 26.09 -0.54 14.62
N ALA B 474 25.56 -1.70 14.28
CA ALA B 474 26.35 -2.94 14.25
C ALA B 474 27.43 -2.87 13.20
N ARG B 475 27.08 -2.33 12.03
CA ARG B 475 28.03 -2.20 10.92
C ARG B 475 29.17 -1.23 11.22
N ASP B 476 28.86 -0.13 11.88
CA ASP B 476 29.86 0.83 12.32
C ASP B 476 30.80 0.27 13.37
N VAL B 477 30.25 -0.47 14.33
CA VAL B 477 31.05 -1.14 15.38
C VAL B 477 32.03 -2.25 14.87
N VAL B 478 31.52 -3.03 13.93
CA VAL B 478 32.26 -4.07 13.27
C VAL B 478 33.40 -3.45 12.45
N THR B 479 33.08 -2.37 11.73
CA THR B 479 34.06 -1.64 10.98
C THR B 479 35.20 -1.12 11.91
N HIS B 480 34.83 -0.59 13.05
CA HIS B 480 35.79 -0.02 13.99
C HIS B 480 36.71 -1.09 14.59
N ILE B 481 36.12 -2.22 14.95
CA ILE B 481 36.88 -3.35 15.42
C ILE B 481 37.89 -3.84 14.36
N HIS B 482 37.45 -3.86 13.11
CA HIS B 482 38.25 -4.37 12.01
C HIS B 482 39.47 -3.47 11.73
N GLU B 483 39.24 -2.17 11.74
CA GLU B 483 40.30 -1.16 11.56
C GLU B 483 41.33 -1.23 12.67
N ARG B 484 40.84 -1.48 13.87
CA ARG B 484 41.68 -1.60 15.03
C ARG B 484 42.58 -2.84 14.95
N VAL B 485 42.01 -3.97 14.55
CA VAL B 485 42.78 -5.18 14.32
C VAL B 485 43.82 -4.96 13.20
N ALA B 486 43.43 -4.17 12.20
CA ALA B 486 44.30 -3.85 11.06
C ALA B 486 45.49 -3.01 11.48
N GLN B 487 45.32 -2.32 12.60
CA GLN B 487 46.38 -1.52 13.18
C GLN B 487 47.12 -2.38 14.20
#